data_2Y4S
#
_entry.id   2Y4S
#
_cell.length_a   175.030
_cell.length_b   82.390
_cell.length_c   59.380
_cell.angle_alpha   90.00
_cell.angle_beta   96.13
_cell.angle_gamma   90.00
#
_symmetry.space_group_name_H-M   'C 1 2 1'
#
loop_
_entity.id
_entity.type
_entity.pdbx_description
1 polymer 'LIMIT DEXTRINASE'
2 branched Cycloheptakis-(1-4)-(alpha-D-glucopyranose)
3 non-polymer GLYCEROL
4 non-polymer 'CALCIUM ION'
5 non-polymer 'IODIDE ION'
6 water water
#
_entity_poly.entity_id   1
_entity_poly.type   'polypeptide(L)'
_entity_poly.pdbx_seq_one_letter_code
;AFMPDARAYWVTSDLIAWNVGELEAQSVCLYASRAAAMSLSPSNGGIQGYDSKVELQPESAGLPETVTQKFPFISSYRAF
RVPSSVDVASLVKCQLVVASFGADGKHVDVTGLQLPGVLDDMFAYTGPLGAVFSEDSVSLHLWAPTAQGVSVCFFDGPAG
PALETVQLKESNGVWSVTGPREWENRYYLYEVDVYHPTKAQVLKCLAGDPYARSLSANGARTWLVDINNETLKPASWDEL
ADEKPKLDSFSDITIYELHIRDFSAHDGTVDSDSRGGFRAFAYQASAGMEHLRKLSDAGLTHVHLLPSFHFAGVDDIKSN
WKFVDECELATFPPGSDMQQAAVVAIQEEDPYNWGYNPVLWGVPKGSYASDPDGPSRIIEYRQMVQALNRIGLRVVMDVV
YNHLDSSGPCGISSVLDKIVPGYYVRRDTNGQIENSAAMNNTASEHFMVDRLIVDDLLNWAVNYKVDGFRFDLMGHIMKR
TMMRAKSALQSLTTDAHGVDGSKIYLYGEGWDFAEVARNQRGINGSQLNMSGTGIGSFNDRIRDAINGGNPFGNPLQQGF
NTGLFLEPNGFYQGNEADTRRSLATYADQIQIGLAGNLRDYVLISHTGEAKKGSEIHTFDGLPVGYTASPIETINYVSAH
DNETLFDVISVKTPMILSVDERCRINHLASSMMALSQGIPFFHAGDEILRSKSIDRDSYNSGDWFNKLDFTYETNNWGVG
LPPSEKNEDNWPLMKPRLENPSFKPAKGHILAALDSFVDILKIRYSSPLFRLSTANDIKQRVRFHNTGPSLVPGVIVMGI
EDARGESPEMAQLDTNFSYVVTVFNVCPHEVSMDIPALASMGFELHPVQVNSSDTLVRKSAYEAATGRFTVPGRTVSVFV
EPRC
;
_entity_poly.pdbx_strand_id   A
#
# COMPACT_ATOMS: atom_id res chain seq x y z
N PHE A 2 -1.72 -13.87 -25.20
CA PHE A 2 -1.99 -14.82 -24.13
C PHE A 2 -1.17 -16.10 -24.31
N MET A 3 -0.70 -16.66 -23.21
CA MET A 3 0.09 -17.89 -23.24
C MET A 3 -0.77 -19.10 -23.62
N PRO A 4 -0.19 -20.03 -24.39
CA PRO A 4 -0.89 -21.19 -24.95
C PRO A 4 -1.45 -22.13 -23.88
N ASP A 5 -2.02 -23.24 -24.34
CA ASP A 5 -2.56 -24.27 -23.45
C ASP A 5 -1.43 -25.03 -22.79
N ALA A 6 -1.40 -25.01 -21.45
CA ALA A 6 -0.39 -25.71 -20.67
C ALA A 6 -0.99 -26.21 -19.37
N ARG A 7 -1.51 -27.44 -19.40
CA ARG A 7 -2.22 -28.00 -18.26
C ARG A 7 -1.36 -28.96 -17.46
N ALA A 8 -0.12 -29.16 -17.91
CA ALA A 8 0.81 -30.02 -17.20
C ALA A 8 1.90 -29.21 -16.49
N TYR A 9 2.46 -29.78 -15.43
CA TYR A 9 3.47 -29.09 -14.63
C TYR A 9 4.75 -29.90 -14.52
N TRP A 10 5.88 -29.29 -14.85
CA TRP A 10 7.16 -29.92 -14.55
C TRP A 10 7.62 -29.39 -13.19
N VAL A 11 7.43 -30.19 -12.15
CA VAL A 11 7.60 -29.73 -10.77
C VAL A 11 8.97 -30.03 -10.15
N THR A 12 9.59 -31.13 -10.55
CA THR A 12 10.94 -31.44 -10.09
C THR A 12 11.76 -31.97 -11.26
N SER A 13 13.07 -32.11 -11.05
CA SER A 13 13.95 -32.60 -12.10
C SER A 13 13.42 -33.89 -12.72
N ASP A 14 12.73 -34.69 -11.92
CA ASP A 14 12.29 -36.02 -12.35
C ASP A 14 10.79 -36.29 -12.23
N LEU A 15 9.99 -35.24 -12.03
CA LEU A 15 8.54 -35.43 -11.93
C LEU A 15 7.73 -34.40 -12.72
N ILE A 16 6.81 -34.91 -13.52
CA ILE A 16 5.83 -34.09 -14.23
C ILE A 16 4.43 -34.40 -13.70
N ALA A 17 3.65 -33.36 -13.45
CA ALA A 17 2.29 -33.54 -12.94
C ALA A 17 1.23 -33.22 -14.00
N TRP A 18 0.27 -34.11 -14.16
CA TRP A 18 -0.81 -33.90 -15.13
C TRP A 18 -2.08 -34.62 -14.69
N ASN A 19 -3.19 -33.89 -14.68
CA ASN A 19 -4.46 -34.43 -14.20
C ASN A 19 -5.21 -35.25 -15.24
N VAL A 20 -4.53 -36.21 -15.85
CA VAL A 20 -5.17 -37.10 -16.81
C VAL A 20 -5.72 -38.34 -16.11
N GLY A 21 -6.70 -38.98 -16.73
CA GLY A 21 -7.29 -40.19 -16.18
C GLY A 21 -6.48 -41.43 -16.53
N SER A 27 -0.18 -44.30 -21.13
CA SER A 27 1.15 -43.96 -21.63
C SER A 27 1.26 -42.48 -21.97
N VAL A 28 2.22 -41.81 -21.34
CA VAL A 28 2.43 -40.39 -21.55
C VAL A 28 3.83 -40.12 -22.09
N CYS A 29 3.94 -39.27 -23.10
CA CYS A 29 5.23 -38.99 -23.72
C CYS A 29 5.59 -37.50 -23.70
N LEU A 30 6.88 -37.22 -23.62
CA LEU A 30 7.40 -35.85 -23.59
C LEU A 30 8.14 -35.53 -24.90
N TYR A 31 7.76 -34.42 -25.52
CA TYR A 31 8.35 -34.01 -26.79
C TYR A 31 9.09 -32.68 -26.66
N ALA A 32 10.27 -32.59 -27.28
CA ALA A 32 11.08 -31.37 -27.21
C ALA A 32 11.53 -30.88 -28.58
N SER A 33 11.54 -29.56 -28.75
CA SER A 33 12.03 -28.94 -29.96
C SER A 33 12.81 -27.68 -29.61
N ARG A 34 14.11 -27.67 -29.93
CA ARG A 34 14.95 -26.53 -29.60
C ARG A 34 14.67 -25.35 -30.51
N ALA A 35 14.10 -25.64 -31.69
CA ALA A 35 13.81 -24.60 -32.68
C ALA A 35 12.35 -24.18 -32.63
N ALA A 36 11.58 -24.79 -31.74
CA ALA A 36 10.15 -24.49 -31.62
C ALA A 36 9.41 -24.75 -32.92
N ALA A 37 9.58 -25.96 -33.46
CA ALA A 37 9.03 -26.28 -34.77
C ALA A 37 7.96 -27.37 -34.70
N MET A 38 7.24 -27.43 -33.60
CA MET A 38 6.19 -28.43 -33.43
C MET A 38 4.83 -27.93 -33.91
N SER A 39 4.03 -28.84 -34.44
CA SER A 39 2.68 -28.53 -34.90
C SER A 39 1.78 -29.74 -34.75
N LEU A 40 0.49 -29.56 -35.03
CA LEU A 40 -0.48 -30.64 -34.96
C LEU A 40 -1.68 -30.36 -35.86
N GLN A 48 4.53 -33.84 -34.73
CA GLN A 48 5.39 -33.36 -35.82
C GLN A 48 6.34 -32.27 -35.35
N GLY A 49 7.55 -32.28 -35.91
CA GLY A 49 8.52 -31.21 -35.69
C GLY A 49 9.34 -31.31 -34.43
N TYR A 50 9.45 -32.51 -33.86
CA TYR A 50 10.20 -32.68 -32.62
C TYR A 50 11.60 -33.25 -32.83
N ASP A 51 12.54 -32.80 -32.00
CA ASP A 51 13.93 -33.25 -32.09
C ASP A 51 14.19 -34.38 -31.12
N SER A 52 13.28 -34.57 -30.17
CA SER A 52 13.48 -35.54 -29.10
C SER A 52 12.15 -35.94 -28.46
N LYS A 53 12.08 -37.17 -27.98
CA LYS A 53 10.89 -37.68 -27.31
C LYS A 53 11.26 -38.74 -26.28
N VAL A 54 10.53 -38.76 -25.17
CA VAL A 54 10.79 -39.72 -24.10
C VAL A 54 9.50 -40.14 -23.39
N GLU A 55 9.38 -41.43 -23.10
CA GLU A 55 8.20 -41.94 -22.40
C GLU A 55 8.33 -41.68 -20.90
N LEU A 56 7.21 -41.31 -20.28
CA LEU A 56 7.19 -41.03 -18.85
C LEU A 56 6.44 -42.13 -18.11
N GLN A 57 7.15 -42.87 -17.26
CA GLN A 57 6.53 -43.94 -16.49
C GLN A 57 5.71 -43.39 -15.33
N PRO A 58 4.40 -43.70 -15.31
CA PRO A 58 3.49 -43.26 -14.26
C PRO A 58 4.01 -43.58 -12.87
N GLU A 59 3.93 -42.62 -11.96
CA GLU A 59 4.42 -42.79 -10.60
C GLU A 59 3.35 -43.38 -9.70
N SER A 60 3.70 -44.42 -8.96
CA SER A 60 2.75 -45.09 -8.08
C SER A 60 2.50 -44.28 -6.80
N ALA A 61 3.58 -43.89 -6.13
CA ALA A 61 3.46 -43.13 -4.88
C ALA A 61 2.70 -41.83 -5.07
N GLY A 62 3.15 -41.01 -6.01
CA GLY A 62 2.51 -39.73 -6.28
C GLY A 62 3.47 -38.56 -6.14
N LEU A 63 2.91 -37.37 -5.93
CA LEU A 63 3.72 -36.17 -5.78
C LEU A 63 4.27 -36.03 -4.36
N PRO A 64 5.56 -35.67 -4.25
CA PRO A 64 6.21 -35.48 -2.95
C PRO A 64 5.59 -34.32 -2.16
N GLU A 65 5.71 -34.36 -0.84
CA GLU A 65 5.16 -33.31 0.01
C GLU A 65 5.74 -31.94 -0.35
N THR A 66 7.02 -31.92 -0.72
CA THR A 66 7.68 -30.67 -1.10
C THR A 66 6.95 -30.01 -2.26
N VAL A 67 6.38 -30.83 -3.14
CA VAL A 67 5.65 -30.32 -4.30
C VAL A 67 4.26 -29.83 -3.92
N THR A 68 3.53 -30.63 -3.15
CA THR A 68 2.16 -30.29 -2.77
C THR A 68 2.09 -29.11 -1.81
N GLN A 69 3.09 -28.99 -0.95
CA GLN A 69 3.18 -27.83 -0.05
C GLN A 69 3.38 -26.55 -0.86
N LYS A 70 4.13 -26.67 -1.95
CA LYS A 70 4.47 -25.51 -2.77
C LYS A 70 3.38 -25.19 -3.79
N PHE A 71 2.77 -26.24 -4.34
CA PHE A 71 1.68 -26.10 -5.30
C PHE A 71 0.45 -26.87 -4.84
N PRO A 72 -0.21 -26.38 -3.78
CA PRO A 72 -1.35 -27.08 -3.18
C PRO A 72 -2.40 -27.46 -4.22
N PHE A 73 -2.60 -26.58 -5.20
CA PHE A 73 -3.71 -26.71 -6.14
C PHE A 73 -3.57 -27.87 -7.13
N ILE A 74 -2.42 -28.53 -7.13
CA ILE A 74 -2.22 -29.68 -8.01
C ILE A 74 -1.95 -30.96 -7.22
N SER A 75 -2.29 -30.95 -5.94
CA SER A 75 -2.04 -32.12 -5.09
C SER A 75 -2.79 -33.37 -5.55
N SER A 76 -3.79 -33.19 -6.41
CA SER A 76 -4.58 -34.31 -6.91
C SER A 76 -4.07 -34.81 -8.26
N TYR A 77 -3.12 -34.09 -8.84
CA TYR A 77 -2.57 -34.44 -10.14
C TYR A 77 -1.76 -35.74 -10.07
N ARG A 78 -1.89 -36.56 -11.11
CA ARG A 78 -1.09 -37.78 -11.19
C ARG A 78 0.37 -37.43 -11.43
N ALA A 79 1.27 -38.28 -10.94
CA ALA A 79 2.70 -38.04 -11.08
C ALA A 79 3.31 -38.91 -12.17
N PHE A 80 4.14 -38.30 -13.00
CA PHE A 80 4.84 -39.03 -14.06
C PHE A 80 6.35 -38.82 -13.93
N ARG A 81 7.09 -39.92 -13.90
CA ARG A 81 8.53 -39.85 -13.68
C ARG A 81 9.32 -39.61 -14.95
N VAL A 82 10.28 -38.70 -14.88
CA VAL A 82 11.19 -38.43 -15.98
C VAL A 82 12.48 -39.22 -15.77
N PRO A 83 12.87 -40.04 -16.75
CA PRO A 83 14.08 -40.86 -16.66
C PRO A 83 15.32 -40.01 -16.39
N SER A 84 16.21 -40.52 -15.55
CA SER A 84 17.41 -39.77 -15.15
C SER A 84 18.39 -39.59 -16.32
N SER A 85 18.16 -40.33 -17.40
CA SER A 85 19.00 -40.24 -18.59
C SER A 85 18.66 -38.99 -19.40
N VAL A 86 17.59 -38.31 -19.00
CA VAL A 86 17.14 -37.12 -19.69
C VAL A 86 17.96 -35.90 -19.28
N ASP A 87 18.36 -35.10 -20.25
CA ASP A 87 19.11 -33.87 -19.98
C ASP A 87 18.14 -32.72 -19.74
N VAL A 88 17.62 -32.64 -18.52
CA VAL A 88 16.61 -31.65 -18.17
C VAL A 88 17.07 -30.21 -18.45
N ALA A 89 18.32 -29.92 -18.13
CA ALA A 89 18.87 -28.59 -18.34
C ALA A 89 18.74 -28.15 -19.80
N SER A 90 18.98 -29.08 -20.71
CA SER A 90 18.81 -28.81 -22.13
C SER A 90 17.35 -28.65 -22.50
N LEU A 91 16.50 -29.52 -21.96
CA LEU A 91 15.09 -29.55 -22.34
C LEU A 91 14.32 -28.29 -21.95
N VAL A 92 14.60 -27.74 -20.78
CA VAL A 92 13.87 -26.56 -20.31
C VAL A 92 14.13 -25.34 -21.17
N LYS A 93 15.09 -25.46 -22.09
CA LYS A 93 15.38 -24.38 -23.03
C LYS A 93 14.63 -24.57 -24.34
N CYS A 94 13.88 -25.67 -24.43
CA CYS A 94 13.18 -26.03 -25.66
C CYS A 94 11.68 -25.77 -25.58
N GLN A 95 11.04 -25.78 -26.74
CA GLN A 95 9.60 -25.87 -26.81
C GLN A 95 9.23 -27.28 -26.38
N LEU A 96 8.32 -27.40 -25.41
CA LEU A 96 7.94 -28.69 -24.87
C LEU A 96 6.44 -28.90 -24.90
N VAL A 97 6.03 -30.14 -25.20
CA VAL A 97 4.65 -30.54 -25.06
C VAL A 97 4.60 -31.96 -24.51
N VAL A 98 3.62 -32.49 -23.79
CA VAL A 98 3.34 -33.83 -23.33
C VAL A 98 2.05 -34.32 -23.96
N ALA A 99 2.07 -35.47 -24.30
CA ALA A 99 0.95 -36.09 -25.01
C ALA A 99 0.41 -37.31 -24.27
N SER A 100 -0.91 -37.49 -24.31
CA SER A 100 -1.55 -38.61 -23.66
C SER A 100 -2.06 -39.62 -24.68
N ASP A 109 -4.39 -36.24 -26.65
CA ASP A 109 -4.40 -35.00 -25.88
C ASP A 109 -2.99 -34.44 -25.74
N VAL A 110 -2.81 -33.19 -26.17
CA VAL A 110 -1.51 -32.54 -26.12
C VAL A 110 -1.60 -31.20 -25.38
N THR A 111 -0.56 -30.88 -24.60
CA THR A 111 -0.54 -29.63 -23.85
C THR A 111 0.89 -29.27 -23.47
N GLY A 112 1.13 -27.98 -23.24
CA GLY A 112 2.44 -27.51 -22.81
C GLY A 112 2.66 -27.76 -21.33
N LEU A 113 3.85 -27.41 -20.84
CA LEU A 113 4.15 -27.60 -19.41
C LEU A 113 4.54 -26.32 -18.72
N GLN A 114 4.10 -26.16 -17.48
CA GLN A 114 4.49 -25.03 -16.65
C GLN A 114 5.74 -25.41 -15.85
N LEU A 115 6.83 -24.67 -16.08
CA LEU A 115 8.16 -25.09 -15.63
C LEU A 115 8.69 -24.56 -14.28
N PRO A 116 8.01 -23.57 -13.66
CA PRO A 116 8.55 -22.98 -12.43
C PRO A 116 9.06 -24.01 -11.41
N GLY A 117 8.31 -25.08 -11.21
CA GLY A 117 8.71 -26.13 -10.27
C GLY A 117 10.11 -26.68 -10.54
N VAL A 118 10.35 -27.15 -11.76
CA VAL A 118 11.64 -27.73 -12.10
C VAL A 118 12.75 -26.67 -12.17
N LEU A 119 12.40 -25.47 -12.60
CA LEU A 119 13.37 -24.38 -12.66
C LEU A 119 13.90 -24.04 -11.27
N ASP A 120 13.01 -24.06 -10.28
CA ASP A 120 13.41 -23.84 -8.89
C ASP A 120 14.22 -25.03 -8.38
N ASP A 121 13.74 -26.23 -8.66
CA ASP A 121 14.35 -27.44 -8.15
C ASP A 121 15.80 -27.55 -8.63
N MET A 122 16.04 -27.16 -9.87
CA MET A 122 17.35 -27.33 -10.49
C MET A 122 18.21 -26.07 -10.49
N PHE A 123 17.59 -24.90 -10.56
CA PHE A 123 18.34 -23.66 -10.77
C PHE A 123 18.11 -22.54 -9.75
N ALA A 124 17.53 -22.85 -8.61
CA ALA A 124 17.41 -21.84 -7.55
C ALA A 124 18.80 -21.25 -7.31
N TYR A 125 18.90 -19.93 -7.30
CA TYR A 125 20.19 -19.27 -7.26
C TYR A 125 20.23 -18.17 -6.20
N THR A 126 21.26 -18.20 -5.36
CA THR A 126 21.38 -17.24 -4.26
C THR A 126 22.64 -16.39 -4.35
N GLY A 127 23.39 -16.54 -5.44
CA GLY A 127 24.59 -15.76 -5.65
C GLY A 127 24.25 -14.36 -6.14
N PRO A 128 25.26 -13.53 -6.40
CA PRO A 128 25.00 -12.15 -6.82
C PRO A 128 24.22 -12.09 -8.13
N LEU A 129 23.28 -11.16 -8.20
CA LEU A 129 22.60 -10.85 -9.46
C LEU A 129 22.78 -9.37 -9.76
N GLY A 130 22.70 -9.01 -11.04
CA GLY A 130 22.98 -7.65 -11.46
C GLY A 130 24.48 -7.42 -11.54
N ALA A 131 24.91 -6.21 -11.21
CA ALA A 131 26.33 -5.85 -11.31
C ALA A 131 27.03 -5.90 -9.96
N VAL A 132 28.23 -6.47 -9.96
CA VAL A 132 29.10 -6.45 -8.79
C VAL A 132 30.41 -5.73 -9.14
N PHE A 133 30.76 -4.75 -8.32
CA PHE A 133 31.96 -3.96 -8.55
C PHE A 133 33.11 -4.39 -7.66
N SER A 134 34.30 -4.47 -8.25
CA SER A 134 35.53 -4.64 -7.49
C SER A 134 36.53 -3.59 -7.96
N GLU A 135 37.70 -3.56 -7.33
CA GLU A 135 38.69 -2.53 -7.65
C GLU A 135 39.10 -2.52 -9.12
N ASP A 136 39.21 -3.70 -9.71
CA ASP A 136 39.74 -3.81 -11.07
C ASP A 136 38.77 -4.45 -12.08
N SER A 137 37.52 -4.64 -11.69
CA SER A 137 36.57 -5.30 -12.59
C SER A 137 35.10 -5.04 -12.24
N VAL A 138 34.23 -5.38 -13.18
CA VAL A 138 32.79 -5.35 -12.98
C VAL A 138 32.18 -6.61 -13.55
N SER A 139 31.38 -7.32 -12.76
CA SER A 139 30.73 -8.53 -13.25
C SER A 139 29.21 -8.35 -13.37
N LEU A 140 28.61 -9.05 -14.32
CA LEU A 140 27.17 -9.06 -14.51
C LEU A 140 26.64 -10.49 -14.38
N HIS A 141 25.51 -10.63 -13.69
CA HIS A 141 24.85 -11.93 -13.52
C HIS A 141 23.36 -11.81 -13.83
N LEU A 142 22.85 -12.71 -14.65
CA LEU A 142 21.43 -12.73 -14.99
C LEU A 142 20.88 -14.14 -14.85
N TRP A 143 19.76 -14.28 -14.16
CA TRP A 143 19.10 -15.57 -14.04
C TRP A 143 18.16 -15.79 -15.23
N ALA A 144 18.54 -16.71 -16.12
CA ALA A 144 17.75 -17.00 -17.31
C ALA A 144 17.91 -18.48 -17.69
N PRO A 145 17.29 -19.36 -16.90
CA PRO A 145 17.46 -20.82 -16.98
C PRO A 145 16.94 -21.42 -18.28
N THR A 146 16.00 -20.74 -18.94
CA THR A 146 15.42 -21.29 -20.17
C THR A 146 16.05 -20.70 -21.43
N ALA A 147 16.84 -19.66 -21.28
CA ALA A 147 17.43 -19.00 -22.44
C ALA A 147 18.44 -19.88 -23.15
N GLN A 148 18.49 -19.77 -24.48
CA GLN A 148 19.45 -20.52 -25.29
C GLN A 148 20.73 -19.71 -25.46
N GLY A 149 20.62 -18.39 -25.26
CA GLY A 149 21.77 -17.51 -25.35
C GLY A 149 21.51 -16.17 -24.70
N VAL A 150 22.54 -15.60 -24.10
CA VAL A 150 22.47 -14.27 -23.52
C VAL A 150 23.73 -13.48 -23.82
N SER A 151 23.55 -12.25 -24.28
CA SER A 151 24.65 -11.33 -24.48
C SER A 151 24.33 -10.00 -23.79
N VAL A 152 25.34 -9.18 -23.58
CA VAL A 152 25.11 -7.83 -23.08
C VAL A 152 25.50 -6.83 -24.16
N CYS A 153 24.64 -5.86 -24.39
N CYS A 153 24.65 -5.84 -24.38
CA CYS A 153 24.89 -4.80 -25.37
CA CYS A 153 24.89 -4.80 -25.37
C CYS A 153 25.19 -3.50 -24.65
C CYS A 153 25.17 -3.47 -24.69
N PHE A 154 26.33 -2.89 -24.98
CA PHE A 154 26.69 -1.61 -24.40
C PHE A 154 26.38 -0.48 -25.38
N PHE A 155 25.86 0.62 -24.85
CA PHE A 155 25.40 1.71 -25.71
C PHE A 155 26.19 2.99 -25.53
N ASP A 156 26.10 3.86 -26.53
CA ASP A 156 26.77 5.16 -26.51
C ASP A 156 25.92 6.15 -25.72
N GLY A 157 25.94 6.03 -24.40
CA GLY A 157 25.15 6.89 -23.55
C GLY A 157 23.68 6.49 -23.50
N PRO A 158 22.83 7.37 -22.95
CA PRO A 158 21.39 7.13 -22.77
C PRO A 158 20.63 7.04 -24.08
N ALA A 159 21.12 7.71 -25.12
CA ALA A 159 20.37 7.79 -26.37
C ALA A 159 21.17 7.38 -27.62
N GLY A 160 22.45 7.04 -27.43
CA GLY A 160 23.30 6.66 -28.55
C GLY A 160 23.12 5.22 -28.98
N PRO A 161 23.77 4.84 -30.09
CA PRO A 161 23.66 3.49 -30.65
C PRO A 161 24.50 2.47 -29.88
N ALA A 162 24.24 1.19 -30.14
CA ALA A 162 25.05 0.11 -29.57
C ALA A 162 26.50 0.25 -30.04
N LEU A 163 27.44 0.10 -29.12
CA LEU A 163 28.85 0.21 -29.43
C LEU A 163 29.54 -1.16 -29.42
N GLU A 164 29.00 -2.07 -28.63
CA GLU A 164 29.69 -3.31 -28.36
C GLU A 164 28.74 -4.39 -27.83
N THR A 165 28.99 -5.62 -28.26
CA THR A 165 28.25 -6.78 -27.78
C THR A 165 29.22 -7.79 -27.19
N VAL A 166 28.90 -8.30 -26.01
CA VAL A 166 29.73 -9.30 -25.35
C VAL A 166 28.87 -10.49 -24.93
N GLN A 167 29.30 -11.68 -25.30
CA GLN A 167 28.58 -12.91 -24.95
C GLN A 167 28.79 -13.27 -23.48
N LEU A 168 27.73 -13.76 -22.85
CA LEU A 168 27.82 -14.27 -21.49
C LEU A 168 27.86 -15.79 -21.51
N LYS A 169 28.37 -16.38 -20.43
CA LYS A 169 28.47 -17.82 -20.33
C LYS A 169 27.53 -18.32 -19.24
N GLU A 170 26.97 -19.51 -19.45
CA GLU A 170 25.97 -20.04 -18.54
C GLU A 170 26.52 -21.09 -17.58
N SER A 171 26.00 -21.08 -16.36
CA SER A 171 26.28 -22.13 -15.39
C SER A 171 25.03 -22.32 -14.54
N ASN A 172 24.41 -23.48 -14.68
CA ASN A 172 23.19 -23.79 -13.93
C ASN A 172 22.14 -22.67 -13.99
N GLY A 173 21.83 -22.23 -15.20
CA GLY A 173 20.77 -21.26 -15.42
C GLY A 173 21.16 -19.80 -15.23
N VAL A 174 22.40 -19.57 -14.82
CA VAL A 174 22.88 -18.22 -14.56
C VAL A 174 23.91 -17.78 -15.58
N TRP A 175 23.64 -16.65 -16.25
CA TRP A 175 24.55 -16.14 -17.26
C TRP A 175 25.39 -15.01 -16.69
N SER A 176 26.70 -15.03 -16.97
CA SER A 176 27.58 -14.01 -16.43
C SER A 176 28.80 -13.72 -17.30
N VAL A 177 29.41 -12.57 -17.05
CA VAL A 177 30.65 -12.18 -17.69
C VAL A 177 31.35 -11.21 -16.76
N THR A 178 32.68 -11.20 -16.78
CA THR A 178 33.46 -10.26 -15.99
C THR A 178 34.25 -9.34 -16.92
N GLY A 179 34.06 -8.04 -16.76
CA GLY A 179 34.75 -7.06 -17.59
C GLY A 179 35.59 -6.11 -16.77
N PRO A 180 36.25 -5.15 -17.43
CA PRO A 180 37.14 -4.21 -16.73
C PRO A 180 36.36 -3.15 -15.95
N ARG A 181 37.00 -2.55 -14.97
CA ARG A 181 36.37 -1.53 -14.15
C ARG A 181 35.88 -0.37 -15.02
N GLU A 182 36.40 -0.28 -16.24
CA GLU A 182 36.02 0.76 -17.18
C GLU A 182 34.58 0.60 -17.68
N TRP A 183 33.96 -0.54 -17.36
CA TRP A 183 32.56 -0.76 -17.71
C TRP A 183 31.65 0.14 -16.88
N GLU A 184 32.20 0.69 -15.79
CA GLU A 184 31.44 1.57 -14.90
C GLU A 184 30.89 2.78 -15.65
N ASN A 185 29.63 3.08 -15.42
CA ASN A 185 28.96 4.24 -16.02
C ASN A 185 28.52 4.04 -17.47
N ARG A 186 28.72 2.84 -17.99
CA ARG A 186 28.18 2.49 -19.30
C ARG A 186 26.68 2.25 -19.20
N TYR A 187 26.01 2.30 -20.34
CA TYR A 187 24.61 1.90 -20.42
C TYR A 187 24.53 0.54 -21.12
N TYR A 188 23.63 -0.31 -20.67
CA TYR A 188 23.53 -1.64 -21.26
C TYR A 188 22.11 -2.22 -21.29
N LEU A 189 21.98 -3.29 -22.07
CA LEU A 189 20.78 -4.11 -22.11
C LEU A 189 21.22 -5.55 -22.31
N TYR A 190 20.42 -6.50 -21.85
CA TYR A 190 20.68 -7.90 -22.15
C TYR A 190 19.98 -8.27 -23.44
N GLU A 191 20.66 -9.05 -24.27
CA GLU A 191 20.01 -9.67 -25.42
C GLU A 191 19.75 -11.12 -25.05
N VAL A 192 18.48 -11.47 -24.89
CA VAL A 192 18.11 -12.81 -24.44
C VAL A 192 17.40 -13.60 -25.52
N ASP A 193 18.01 -14.71 -25.93
CA ASP A 193 17.41 -15.63 -26.89
C ASP A 193 16.66 -16.71 -26.14
N VAL A 194 15.33 -16.67 -26.21
CA VAL A 194 14.53 -17.57 -25.40
C VAL A 194 13.19 -17.88 -26.07
N TYR A 195 12.69 -19.08 -25.84
CA TYR A 195 11.39 -19.47 -26.37
C TYR A 195 10.27 -18.74 -25.65
N HIS A 196 9.41 -18.08 -26.41
CA HIS A 196 8.26 -17.37 -25.86
C HIS A 196 6.95 -18.05 -26.26
N PRO A 197 6.31 -18.75 -25.31
CA PRO A 197 5.05 -19.45 -25.56
C PRO A 197 4.00 -18.57 -26.25
N THR A 198 3.91 -17.30 -25.88
CA THR A 198 2.92 -16.40 -26.48
C THR A 198 3.12 -16.27 -27.98
N LYS A 199 4.34 -16.51 -28.44
CA LYS A 199 4.68 -16.36 -29.85
C LYS A 199 5.03 -17.71 -30.49
N ALA A 200 5.18 -18.73 -29.67
CA ALA A 200 5.53 -20.06 -30.14
C ALA A 200 6.81 -20.05 -30.96
N GLN A 201 7.74 -19.17 -30.57
CA GLN A 201 9.02 -19.05 -31.28
C GLN A 201 10.15 -18.70 -30.30
N VAL A 202 11.37 -19.10 -30.67
CA VAL A 202 12.54 -18.62 -29.97
C VAL A 202 12.87 -17.23 -30.48
N LEU A 203 12.75 -16.24 -29.60
CA LEU A 203 12.94 -14.84 -30.00
C LEU A 203 14.17 -14.23 -29.34
N LYS A 204 14.71 -13.20 -29.98
CA LYS A 204 15.83 -12.46 -29.42
C LYS A 204 15.31 -11.14 -28.84
N CYS A 205 15.23 -11.08 -27.52
CA CYS A 205 14.64 -9.91 -26.84
C CYS A 205 15.71 -9.05 -26.17
N LEU A 206 15.50 -7.74 -26.22
CA LEU A 206 16.34 -6.80 -25.48
C LEU A 206 15.65 -6.47 -24.17
N ALA A 207 16.35 -6.68 -23.05
CA ALA A 207 15.75 -6.47 -21.74
C ALA A 207 16.68 -5.77 -20.76
N GLY A 208 16.10 -4.95 -19.90
CA GLY A 208 16.84 -4.32 -18.81
C GLY A 208 17.21 -5.31 -17.74
N ASP A 209 18.06 -4.87 -16.80
CA ASP A 209 18.49 -5.74 -15.72
C ASP A 209 17.45 -5.73 -14.60
N PRO A 210 16.90 -6.90 -14.26
CA PRO A 210 15.95 -6.96 -13.15
C PRO A 210 16.56 -6.39 -11.87
N TYR A 211 17.88 -6.44 -11.79
CA TYR A 211 18.58 -5.92 -10.62
C TYR A 211 19.21 -4.55 -10.88
N ALA A 212 18.63 -3.81 -11.83
CA ALA A 212 19.06 -2.46 -12.14
C ALA A 212 18.99 -1.56 -10.91
N ARG A 213 19.98 -0.69 -10.77
CA ARG A 213 19.97 0.31 -9.70
C ARG A 213 19.77 1.72 -10.26
N SER A 214 19.94 1.86 -11.57
CA SER A 214 19.57 3.09 -12.24
C SER A 214 19.26 2.85 -13.72
N LEU A 215 18.56 3.80 -14.33
CA LEU A 215 18.07 3.64 -15.69
C LEU A 215 18.17 4.94 -16.47
N SER A 216 18.20 4.83 -17.80
CA SER A 216 18.03 5.99 -18.66
C SER A 216 16.53 6.29 -18.71
N ALA A 217 16.16 7.37 -19.40
CA ALA A 217 14.75 7.74 -19.50
C ALA A 217 13.89 6.53 -19.89
N ASN A 218 12.81 6.32 -19.14
CA ASN A 218 11.86 5.26 -19.43
C ASN A 218 12.43 3.84 -19.30
N GLY A 219 13.61 3.74 -18.70
CA GLY A 219 14.26 2.45 -18.53
C GLY A 219 14.63 1.81 -19.86
N ALA A 220 14.86 2.64 -20.87
CA ALA A 220 15.24 2.12 -22.18
C ALA A 220 16.58 1.41 -22.08
N ARG A 221 17.42 1.85 -21.15
CA ARG A 221 18.70 1.22 -20.89
C ARG A 221 19.04 1.24 -19.41
N THR A 222 19.81 0.25 -18.99
CA THR A 222 20.26 0.17 -17.61
C THR A 222 21.58 0.93 -17.47
N TRP A 223 21.71 1.71 -16.41
CA TRP A 223 22.95 2.44 -16.17
C TRP A 223 23.83 1.65 -15.21
N LEU A 224 25.02 1.29 -15.68
CA LEU A 224 25.93 0.46 -14.90
C LEU A 224 26.64 1.29 -13.84
N VAL A 225 25.87 1.72 -12.84
CA VAL A 225 26.40 2.64 -11.84
C VAL A 225 26.63 1.92 -10.52
N ASP A 226 27.63 2.37 -9.78
CA ASP A 226 27.87 1.86 -8.43
C ASP A 226 27.01 2.66 -7.46
N ILE A 227 25.99 2.02 -6.91
CA ILE A 227 25.04 2.70 -6.03
C ILE A 227 25.71 3.26 -4.78
N ASN A 228 26.90 2.77 -4.47
CA ASN A 228 27.61 3.16 -3.26
C ASN A 228 28.54 4.36 -3.46
N ASN A 229 28.67 4.81 -4.69
CA ASN A 229 29.60 5.90 -4.99
C ASN A 229 29.29 7.19 -4.25
N GLU A 230 30.33 7.83 -3.74
CA GLU A 230 30.22 9.08 -2.99
C GLU A 230 29.48 10.16 -3.76
N THR A 231 29.67 10.20 -5.08
CA THR A 231 29.06 11.25 -5.90
C THR A 231 27.55 11.10 -6.01
N LEU A 232 27.03 9.95 -5.58
CA LEU A 232 25.60 9.70 -5.61
C LEU A 232 24.97 9.93 -4.24
N LYS A 233 25.74 10.48 -3.31
CA LYS A 233 25.26 10.70 -1.96
C LYS A 233 25.25 12.18 -1.62
N PRO A 234 24.12 12.67 -1.09
CA PRO A 234 24.05 14.05 -0.62
C PRO A 234 24.96 14.24 0.59
N ALA A 235 25.28 15.48 0.94
CA ALA A 235 26.10 15.74 2.11
C ALA A 235 25.47 15.11 3.34
N SER A 236 26.30 14.51 4.18
CA SER A 236 25.85 13.94 5.46
C SER A 236 25.01 12.67 5.31
N TRP A 237 24.91 12.14 4.09
CA TRP A 237 24.06 10.97 3.84
C TRP A 237 24.43 9.78 4.73
N ASP A 238 25.73 9.52 4.90
CA ASP A 238 26.17 8.38 5.68
C ASP A 238 25.84 8.49 7.18
N GLU A 239 25.53 9.71 7.64
CA GLU A 239 25.20 9.93 9.05
C GLU A 239 23.70 10.12 9.27
N LEU A 240 22.89 9.84 8.24
CA LEU A 240 21.45 10.04 8.34
C LEU A 240 20.84 9.28 9.50
N ALA A 241 21.38 8.09 9.77
CA ALA A 241 20.89 7.29 10.90
C ALA A 241 20.94 8.10 12.21
N ASP A 242 21.97 8.93 12.34
CA ASP A 242 22.12 9.78 13.53
C ASP A 242 21.11 10.92 13.55
N GLU A 243 20.50 11.22 12.40
CA GLU A 243 19.56 12.32 12.32
C GLU A 243 18.11 11.85 12.24
N LYS A 244 17.91 10.55 12.12
CA LYS A 244 16.56 10.02 12.00
C LYS A 244 15.75 10.27 13.26
N PRO A 245 14.46 10.59 13.10
CA PRO A 245 13.59 10.85 14.26
C PRO A 245 13.52 9.62 15.14
N LYS A 246 13.48 9.83 16.46
CA LYS A 246 13.36 8.73 17.39
C LYS A 246 12.04 7.99 17.21
N LEU A 247 12.07 6.67 17.39
CA LEU A 247 10.87 5.86 17.39
C LEU A 247 10.99 4.83 18.50
N ASP A 248 10.33 5.10 19.63
CA ASP A 248 10.43 4.23 20.80
C ASP A 248 9.71 2.91 20.56
N SER A 249 8.58 2.99 19.87
CA SER A 249 7.71 1.84 19.70
C SER A 249 6.93 1.95 18.40
N PHE A 250 6.64 0.82 17.77
CA PHE A 250 5.78 0.81 16.59
C PHE A 250 4.39 1.33 16.92
N SER A 251 4.05 1.29 18.21
CA SER A 251 2.73 1.75 18.65
C SER A 251 2.64 3.27 18.64
N ASP A 252 3.77 3.95 18.45
CA ASP A 252 3.79 5.41 18.38
C ASP A 252 3.63 5.93 16.95
N ILE A 253 3.42 5.01 16.01
CA ILE A 253 3.36 5.38 14.59
C ILE A 253 2.04 6.02 14.17
N THR A 254 2.13 7.14 13.47
CA THR A 254 1.00 7.68 12.72
C THR A 254 1.45 7.82 11.27
N ILE A 255 0.53 7.61 10.33
CA ILE A 255 0.88 7.58 8.91
C ILE A 255 0.07 8.57 8.07
N TYR A 256 0.76 9.26 7.16
CA TYR A 256 0.17 10.25 6.28
C TYR A 256 0.44 9.84 4.84
N GLU A 257 -0.61 9.46 4.12
CA GLU A 257 -0.47 8.90 2.77
C GLU A 257 -0.48 9.97 1.69
N LEU A 258 0.61 10.06 0.93
CA LEU A 258 0.82 11.18 0.03
C LEU A 258 1.40 10.79 -1.32
N HIS A 259 0.84 11.37 -2.38
CA HIS A 259 1.34 11.17 -3.73
C HIS A 259 2.39 12.24 -4.02
N ILE A 260 3.53 11.82 -4.55
CA ILE A 260 4.66 12.71 -4.79
C ILE A 260 4.34 13.90 -5.69
N ARG A 261 3.60 13.67 -6.78
CA ARG A 261 3.26 14.77 -7.66
C ARG A 261 2.19 15.70 -7.08
N ASP A 262 1.14 15.12 -6.50
CA ASP A 262 0.10 15.89 -5.83
C ASP A 262 0.74 16.92 -4.89
N PHE A 263 1.80 16.52 -4.20
CA PHE A 263 2.40 17.32 -3.14
C PHE A 263 2.80 18.73 -3.57
N SER A 264 3.36 18.86 -4.76
CA SER A 264 3.90 20.15 -5.19
C SER A 264 3.46 20.60 -6.58
N ALA A 265 2.57 19.84 -7.21
CA ALA A 265 2.13 20.17 -8.55
C ALA A 265 1.51 21.57 -8.63
N HIS A 266 0.81 21.97 -7.57
CA HIS A 266 0.15 23.27 -7.55
C HIS A 266 0.80 24.25 -6.57
N ASP A 267 1.97 23.89 -6.04
CA ASP A 267 2.63 24.72 -5.05
C ASP A 267 3.49 25.81 -5.70
N GLY A 268 2.94 27.01 -5.81
CA GLY A 268 3.63 28.12 -6.44
C GLY A 268 4.86 28.62 -5.69
N THR A 269 4.99 28.22 -4.43
CA THR A 269 6.15 28.62 -3.64
C THR A 269 7.35 27.74 -3.98
N VAL A 270 7.10 26.68 -4.75
CA VAL A 270 8.17 25.82 -5.24
C VAL A 270 8.53 26.22 -6.67
N ASP A 271 9.81 26.23 -6.99
CA ASP A 271 10.25 26.58 -8.34
C ASP A 271 9.64 25.63 -9.36
N SER A 272 9.30 26.17 -10.53
CA SER A 272 8.67 25.39 -11.59
C SER A 272 9.48 24.15 -11.98
N ASP A 273 10.79 24.20 -11.74
CA ASP A 273 11.69 23.14 -12.17
C ASP A 273 11.73 21.95 -11.21
N SER A 274 11.19 22.14 -10.00
CA SER A 274 11.23 21.07 -9.00
C SER A 274 9.84 20.50 -8.70
N ARG A 275 8.81 21.26 -9.06
CA ARG A 275 7.44 20.86 -8.76
C ARG A 275 7.09 19.49 -9.32
N GLY A 276 6.43 18.68 -8.50
CA GLY A 276 5.91 17.40 -8.94
C GLY A 276 6.84 16.22 -8.74
N GLY A 277 8.02 16.47 -8.19
CA GLY A 277 9.01 15.41 -8.05
C GLY A 277 9.74 15.36 -6.72
N PHE A 278 10.80 14.58 -6.67
CA PHE A 278 11.56 14.37 -5.43
C PHE A 278 12.13 15.66 -4.85
N ARG A 279 12.65 16.53 -5.71
CA ARG A 279 13.32 17.75 -5.25
C ARG A 279 12.43 18.68 -4.43
N ALA A 280 11.12 18.65 -4.71
CA ALA A 280 10.19 19.54 -4.02
C ALA A 280 10.21 19.34 -2.51
N PHE A 281 10.63 18.15 -2.07
CA PHE A 281 10.73 17.88 -0.64
C PHE A 281 11.95 18.53 0.01
N ALA A 282 12.92 18.91 -0.82
CA ALA A 282 14.11 19.59 -0.33
C ALA A 282 13.84 21.08 -0.11
N TYR A 283 12.65 21.53 -0.51
CA TYR A 283 12.25 22.93 -0.35
C TYR A 283 11.53 23.14 0.98
N GLN A 284 12.31 23.29 2.05
CA GLN A 284 11.75 23.40 3.40
C GLN A 284 10.90 24.66 3.61
N ALA A 285 11.13 25.68 2.80
CA ALA A 285 10.45 26.96 2.97
C ALA A 285 9.13 27.04 2.18
N SER A 286 8.81 25.98 1.46
CA SER A 286 7.58 25.96 0.67
C SER A 286 6.36 25.81 1.58
N ALA A 287 5.19 26.15 1.05
CA ALA A 287 3.95 25.94 1.77
C ALA A 287 3.74 24.45 2.05
N GLY A 288 4.09 23.62 1.06
CA GLY A 288 3.94 22.18 1.22
C GLY A 288 4.73 21.63 2.39
N MET A 289 6.00 22.02 2.48
CA MET A 289 6.87 21.50 3.52
C MET A 289 6.60 22.15 4.88
N GLU A 290 6.09 23.38 4.85
CA GLU A 290 5.64 24.03 6.07
C GLU A 290 4.41 23.31 6.60
N HIS A 291 3.59 22.81 5.67
CA HIS A 291 2.41 22.03 6.03
C HIS A 291 2.81 20.73 6.72
N LEU A 292 3.75 20.00 6.11
CA LEU A 292 4.22 18.73 6.67
C LEU A 292 4.96 18.92 8.00
N ARG A 293 5.70 20.02 8.12
CA ARG A 293 6.41 20.30 9.36
C ARG A 293 5.42 20.56 10.49
N LYS A 294 4.32 21.22 10.16
CA LYS A 294 3.28 21.50 11.14
C LYS A 294 2.68 20.18 11.66
N LEU A 295 2.35 19.29 10.73
CA LEU A 295 1.82 17.98 11.09
C LEU A 295 2.86 17.18 11.87
N SER A 296 4.09 17.21 11.39
CA SER A 296 5.19 16.49 12.03
C SER A 296 5.43 16.98 13.45
N ASP A 297 5.43 18.30 13.63
CA ASP A 297 5.64 18.90 14.94
C ASP A 297 4.51 18.54 15.91
N ALA A 298 3.31 18.34 15.37
CA ALA A 298 2.16 17.97 16.18
C ALA A 298 2.21 16.51 16.64
N GLY A 299 3.01 15.70 15.95
CA GLY A 299 3.18 14.31 16.34
C GLY A 299 3.23 13.27 15.23
N LEU A 300 2.75 13.61 14.05
CA LEU A 300 2.80 12.68 12.91
C LEU A 300 4.21 12.10 12.78
N THR A 301 4.34 10.79 12.61
CA THR A 301 5.67 10.18 12.57
C THR A 301 6.12 9.70 11.19
N HIS A 302 5.19 9.26 10.37
CA HIS A 302 5.55 8.64 9.09
C HIS A 302 4.80 9.22 7.90
N VAL A 303 5.51 9.42 6.79
CA VAL A 303 4.86 9.76 5.53
C VAL A 303 4.95 8.59 4.56
N HIS A 304 3.78 8.10 4.15
CA HIS A 304 3.67 7.00 3.20
C HIS A 304 3.54 7.58 1.80
N LEU A 305 4.56 7.38 0.96
CA LEU A 305 4.54 7.89 -0.40
C LEU A 305 4.03 6.86 -1.40
N LEU A 306 3.17 7.29 -2.34
CA LEU A 306 2.69 6.39 -3.38
C LEU A 306 3.83 5.97 -4.30
N PRO A 307 3.63 4.90 -5.09
CA PRO A 307 4.71 4.26 -5.86
C PRO A 307 5.73 5.25 -6.43
N SER A 308 7.00 5.01 -6.11
CA SER A 308 8.07 5.92 -6.50
C SER A 308 9.22 5.17 -7.19
N PHE A 309 8.99 3.90 -7.49
CA PHE A 309 9.93 3.11 -8.28
C PHE A 309 9.59 3.26 -9.75
N HIS A 310 10.30 2.54 -10.62
CA HIS A 310 10.10 2.62 -12.07
C HIS A 310 8.79 1.97 -12.52
N PHE A 311 7.77 2.79 -12.75
CA PHE A 311 6.48 2.30 -13.21
C PHE A 311 6.12 2.88 -14.59
N ALA A 312 5.22 2.21 -15.29
CA ALA A 312 4.75 2.68 -16.59
C ALA A 312 3.52 3.58 -16.44
N GLY A 313 3.18 4.30 -17.51
CA GLY A 313 2.01 5.14 -17.52
C GLY A 313 2.32 6.62 -17.53
N VAL A 314 3.59 6.95 -17.28
CA VAL A 314 4.06 8.33 -17.34
C VAL A 314 5.42 8.37 -18.02
N ASP A 315 5.55 9.21 -19.04
CA ASP A 315 6.82 9.36 -19.75
C ASP A 315 7.82 10.07 -18.85
N ASP A 316 9.03 9.53 -18.76
CA ASP A 316 10.09 10.15 -17.96
C ASP A 316 10.56 11.45 -18.60
N ILE A 317 10.31 11.59 -19.89
CA ILE A 317 10.72 12.77 -20.64
C ILE A 317 9.66 13.87 -20.58
N LYS A 318 9.92 14.87 -19.75
CA LYS A 318 8.93 15.91 -19.42
C LYS A 318 8.46 16.69 -20.64
N SER A 319 9.31 16.80 -21.66
CA SER A 319 8.97 17.56 -22.85
C SER A 319 7.95 16.82 -23.71
N ASN A 320 7.62 15.59 -23.31
CA ASN A 320 6.57 14.84 -23.99
C ASN A 320 5.23 14.97 -23.28
N TRP A 321 5.22 15.65 -22.13
CA TRP A 321 4.02 15.77 -21.32
C TRP A 321 2.96 16.67 -21.94
N LYS A 322 1.69 16.27 -21.78
CA LYS A 322 0.56 17.09 -22.19
C LYS A 322 -0.16 17.64 -20.97
N PHE A 323 -0.56 18.91 -21.04
CA PHE A 323 -1.29 19.54 -19.93
C PHE A 323 -2.62 20.13 -20.41
N VAL A 324 -3.58 20.24 -19.49
CA VAL A 324 -4.79 21.00 -19.76
C VAL A 324 -4.55 22.44 -19.29
N ASP A 325 -5.41 23.35 -19.72
CA ASP A 325 -5.34 24.74 -19.29
C ASP A 325 -6.23 24.91 -18.06
N GLU A 326 -5.61 24.98 -16.89
CA GLU A 326 -6.34 25.07 -15.63
C GLU A 326 -7.16 26.36 -15.52
N CYS A 327 -6.65 27.44 -16.09
CA CYS A 327 -7.36 28.71 -16.10
C CYS A 327 -8.66 28.57 -16.90
N GLU A 328 -8.63 27.74 -17.93
CA GLU A 328 -9.81 27.49 -18.74
C GLU A 328 -10.81 26.57 -18.03
N LEU A 329 -10.33 25.43 -17.53
CA LEU A 329 -11.20 24.48 -16.85
C LEU A 329 -11.88 25.12 -15.64
N ALA A 330 -11.24 26.13 -15.05
CA ALA A 330 -11.79 26.81 -13.90
C ALA A 330 -13.06 27.59 -14.25
N THR A 331 -13.25 27.87 -15.53
CA THR A 331 -14.42 28.64 -15.97
C THR A 331 -15.62 27.76 -16.29
N PHE A 332 -15.40 26.46 -16.42
CA PHE A 332 -16.50 25.52 -16.67
C PHE A 332 -17.38 25.36 -15.44
N PRO A 333 -18.68 25.09 -15.64
CA PRO A 333 -19.62 24.89 -14.54
C PRO A 333 -19.17 23.77 -13.61
N PRO A 334 -19.50 23.88 -12.32
CA PRO A 334 -19.04 22.98 -11.26
C PRO A 334 -19.45 21.53 -11.49
N GLY A 335 -20.59 21.32 -12.16
CA GLY A 335 -21.09 19.99 -12.42
C GLY A 335 -21.09 19.63 -13.88
N SER A 336 -20.29 20.34 -14.66
CA SER A 336 -20.16 20.07 -16.09
C SER A 336 -19.30 18.83 -16.35
N ASP A 337 -19.48 18.23 -17.52
CA ASP A 337 -18.66 17.07 -17.90
C ASP A 337 -17.49 17.48 -18.78
N MET A 338 -17.31 18.79 -18.96
CA MET A 338 -16.26 19.30 -19.84
C MET A 338 -14.86 19.16 -19.24
N GLN A 339 -14.74 19.33 -17.93
CA GLN A 339 -13.43 19.21 -17.28
C GLN A 339 -12.84 17.82 -17.47
N GLN A 340 -13.65 16.79 -17.20
CA GLN A 340 -13.16 15.41 -17.31
C GLN A 340 -12.89 15.02 -18.76
N ALA A 341 -13.62 15.65 -19.68
CA ALA A 341 -13.40 15.40 -21.10
C ALA A 341 -12.04 15.93 -21.53
N ALA A 342 -11.68 17.11 -21.04
CA ALA A 342 -10.37 17.69 -21.34
C ALA A 342 -9.25 16.84 -20.76
N VAL A 343 -9.42 16.39 -19.52
CA VAL A 343 -8.41 15.55 -18.87
C VAL A 343 -8.30 14.20 -19.57
N VAL A 344 -9.42 13.54 -19.79
CA VAL A 344 -9.42 12.23 -20.43
C VAL A 344 -8.76 12.27 -21.80
N ALA A 345 -8.95 13.37 -22.52
CA ALA A 345 -8.36 13.53 -23.85
C ALA A 345 -6.83 13.44 -23.87
N ILE A 346 -6.18 13.78 -22.75
CA ILE A 346 -4.72 13.76 -22.70
C ILE A 346 -4.15 12.84 -21.62
N GLN A 347 -5.04 12.16 -20.90
CA GLN A 347 -4.62 11.42 -19.72
C GLN A 347 -3.58 10.33 -20.00
N GLU A 348 -3.45 9.89 -21.24
CA GLU A 348 -2.48 8.85 -21.54
C GLU A 348 -1.07 9.41 -21.74
N GLU A 349 -0.97 10.73 -21.88
CA GLU A 349 0.32 11.37 -22.16
C GLU A 349 0.61 12.55 -21.25
N ASP A 350 -0.10 12.64 -20.12
CA ASP A 350 0.17 13.71 -19.16
C ASP A 350 1.19 13.24 -18.11
N PRO A 351 1.51 14.10 -17.13
CA PRO A 351 2.56 13.70 -16.20
C PRO A 351 2.07 12.84 -15.03
N TYR A 352 0.81 12.42 -15.05
CA TYR A 352 0.17 11.92 -13.84
C TYR A 352 -0.21 10.44 -13.82
N ASN A 353 0.09 9.77 -12.72
CA ASN A 353 -0.41 8.42 -12.47
C ASN A 353 -0.07 8.01 -11.05
N TRP A 354 -0.97 7.28 -10.39
CA TRP A 354 -0.66 6.81 -9.04
C TRP A 354 0.64 6.02 -9.08
N GLY A 355 0.82 5.21 -10.13
CA GLY A 355 2.06 4.50 -10.36
C GLY A 355 2.04 3.01 -10.07
N TYR A 356 0.84 2.44 -9.94
CA TYR A 356 0.72 1.01 -9.63
C TYR A 356 0.91 0.12 -10.86
N ASN A 357 1.94 0.43 -11.66
CA ASN A 357 2.25 -0.34 -12.88
C ASN A 357 3.74 -0.70 -12.93
N PRO A 358 4.16 -1.68 -12.11
CA PRO A 358 5.59 -1.96 -11.90
C PRO A 358 6.31 -2.47 -13.15
N VAL A 359 7.48 -1.88 -13.40
CA VAL A 359 8.36 -2.36 -14.46
C VAL A 359 9.67 -2.86 -13.86
N LEU A 360 10.36 -1.98 -13.13
CA LEU A 360 11.53 -2.38 -12.34
C LEU A 360 11.41 -1.82 -10.92
N TRP A 361 11.46 -2.70 -9.94
CA TRP A 361 11.19 -2.33 -8.55
C TRP A 361 12.31 -1.52 -7.87
N GLY A 362 13.55 -1.71 -8.31
CA GLY A 362 14.70 -1.19 -7.58
C GLY A 362 15.27 0.16 -8.00
N VAL A 363 14.57 0.86 -8.88
CA VAL A 363 15.04 2.15 -9.38
C VAL A 363 13.99 3.24 -9.20
N PRO A 364 14.40 4.42 -8.72
CA PRO A 364 13.51 5.58 -8.60
C PRO A 364 12.86 5.96 -9.93
N LYS A 365 11.62 6.42 -9.89
CA LYS A 365 10.89 6.83 -11.08
C LYS A 365 11.56 8.04 -11.74
N GLY A 366 11.85 7.93 -13.03
CA GLY A 366 12.54 8.98 -13.76
C GLY A 366 11.77 10.28 -13.90
N SER A 367 10.45 10.19 -13.97
CA SER A 367 9.62 11.38 -14.16
C SER A 367 9.61 12.27 -12.92
N TYR A 368 9.96 11.69 -11.77
CA TYR A 368 10.00 12.46 -10.52
C TYR A 368 11.38 13.09 -10.27
N ALA A 369 12.32 12.85 -11.19
CA ALA A 369 13.65 13.45 -11.09
C ALA A 369 13.77 14.65 -12.01
N SER A 370 14.69 15.55 -11.71
CA SER A 370 14.88 16.74 -12.53
C SER A 370 15.44 16.37 -13.91
N ASP A 371 16.20 15.29 -13.95
CA ASP A 371 16.76 14.78 -15.21
C ASP A 371 16.71 13.26 -15.22
N PRO A 372 15.91 12.68 -16.13
CA PRO A 372 15.71 11.23 -16.19
C PRO A 372 16.96 10.46 -16.57
N ASP A 373 17.94 11.14 -17.17
CA ASP A 373 19.23 10.53 -17.47
C ASP A 373 20.25 10.98 -16.43
N GLY A 374 21.17 10.09 -16.09
CA GLY A 374 22.23 10.43 -15.16
C GLY A 374 21.86 10.17 -13.71
N PRO A 375 22.64 10.75 -12.79
CA PRO A 375 22.59 10.47 -11.35
C PRO A 375 21.42 11.12 -10.61
N SER A 376 20.75 12.10 -11.23
CA SER A 376 19.77 12.91 -10.50
C SER A 376 18.69 12.10 -9.77
N ARG A 377 18.17 11.06 -10.41
CA ARG A 377 17.08 10.29 -9.80
C ARG A 377 17.50 9.62 -8.49
N ILE A 378 18.77 9.21 -8.42
CA ILE A 378 19.32 8.60 -7.20
C ILE A 378 19.60 9.66 -6.13
N ILE A 379 20.34 10.70 -6.51
CA ILE A 379 20.68 11.77 -5.60
C ILE A 379 19.44 12.43 -5.01
N GLU A 380 18.49 12.77 -5.87
CA GLU A 380 17.30 13.50 -5.45
C GLU A 380 16.34 12.66 -4.60
N TYR A 381 16.32 11.35 -4.83
CA TYR A 381 15.52 10.45 -3.99
C TYR A 381 16.08 10.47 -2.57
N ARG A 382 17.40 10.38 -2.46
CA ARG A 382 18.07 10.41 -1.17
C ARG A 382 17.89 11.76 -0.48
N GLN A 383 18.00 12.85 -1.23
CA GLN A 383 17.72 14.17 -0.70
C GLN A 383 16.31 14.25 -0.14
N MET A 384 15.39 13.54 -0.78
CA MET A 384 14.00 13.54 -0.34
C MET A 384 13.86 12.86 1.03
N VAL A 385 14.40 11.66 1.16
CA VAL A 385 14.34 10.93 2.42
C VAL A 385 15.03 11.71 3.54
N GLN A 386 16.18 12.28 3.21
CA GLN A 386 16.95 13.07 4.18
C GLN A 386 16.16 14.29 4.67
N ALA A 387 15.50 14.97 3.73
CA ALA A 387 14.71 16.16 4.05
C ALA A 387 13.53 15.81 4.95
N LEU A 388 12.81 14.77 4.60
CA LEU A 388 11.68 14.32 5.39
C LEU A 388 12.13 13.87 6.79
N ASN A 389 13.21 13.09 6.85
CA ASN A 389 13.76 12.70 8.15
C ASN A 389 14.09 13.94 9.00
N ARG A 390 14.63 14.97 8.36
CA ARG A 390 15.07 16.17 9.08
C ARG A 390 13.92 17.02 9.65
N ILE A 391 12.72 16.87 9.11
CA ILE A 391 11.58 17.58 9.68
C ILE A 391 10.76 16.67 10.58
N GLY A 392 11.32 15.53 10.96
CA GLY A 392 10.70 14.67 11.95
C GLY A 392 9.86 13.55 11.38
N LEU A 393 9.98 13.30 10.08
CA LEU A 393 9.14 12.30 9.44
C LEU A 393 9.95 11.14 8.86
N ARG A 394 9.56 9.92 9.22
CA ARG A 394 10.14 8.74 8.61
C ARG A 394 9.38 8.44 7.32
N VAL A 395 10.07 7.80 6.38
CA VAL A 395 9.53 7.59 5.04
C VAL A 395 9.12 6.14 4.79
N VAL A 396 7.89 5.96 4.32
CA VAL A 396 7.38 4.65 3.96
C VAL A 396 7.19 4.58 2.45
N MET A 397 7.64 3.50 1.83
CA MET A 397 7.41 3.30 0.40
C MET A 397 6.21 2.40 0.15
N ASP A 398 5.40 2.77 -0.84
CA ASP A 398 4.30 1.93 -1.29
C ASP A 398 4.87 0.94 -2.29
N VAL A 399 4.99 -0.32 -1.87
CA VAL A 399 5.58 -1.34 -2.72
C VAL A 399 4.53 -2.22 -3.37
N VAL A 400 4.76 -2.56 -4.63
CA VAL A 400 3.77 -3.23 -5.46
C VAL A 400 4.37 -4.50 -6.05
N TYR A 401 4.51 -5.53 -5.23
CA TYR A 401 5.16 -6.78 -5.64
C TYR A 401 4.18 -7.80 -6.19
N ASN A 402 2.90 -7.44 -6.20
CA ASN A 402 1.83 -8.39 -6.52
C ASN A 402 1.57 -8.59 -8.02
N HIS A 403 2.07 -7.68 -8.85
CA HIS A 403 1.84 -7.79 -10.29
C HIS A 403 2.78 -6.92 -11.10
N LEU A 404 2.77 -7.14 -12.41
CA LEU A 404 3.63 -6.40 -13.33
C LEU A 404 2.79 -5.63 -14.34
N ASP A 405 3.30 -4.49 -14.80
CA ASP A 405 2.59 -3.70 -15.80
C ASP A 405 2.38 -4.51 -17.08
N SER A 406 3.42 -5.19 -17.53
CA SER A 406 3.37 -5.92 -18.79
C SER A 406 4.00 -7.31 -18.71
N SER A 407 3.64 -8.16 -19.67
CA SER A 407 4.27 -9.44 -19.85
C SER A 407 4.54 -9.60 -21.34
N GLY A 408 5.18 -10.71 -21.73
CA GLY A 408 5.43 -10.96 -23.13
C GLY A 408 6.80 -10.49 -23.59
N PRO A 409 7.14 -10.79 -24.86
CA PRO A 409 8.45 -10.56 -25.45
C PRO A 409 8.71 -9.11 -25.86
N CYS A 410 7.64 -8.35 -26.09
CA CYS A 410 7.78 -7.01 -26.67
C CYS A 410 7.42 -5.88 -25.71
N GLY A 411 8.02 -4.72 -25.93
CA GLY A 411 7.68 -3.53 -25.19
C GLY A 411 8.73 -3.14 -24.16
N ILE A 412 8.91 -1.85 -23.98
CA ILE A 412 9.86 -1.33 -23.02
C ILE A 412 9.37 -1.54 -21.58
N SER A 413 8.06 -1.80 -21.44
CA SER A 413 7.44 -1.94 -20.12
C SER A 413 7.51 -3.37 -19.59
N SER A 414 7.95 -4.30 -20.43
CA SER A 414 8.08 -5.69 -20.01
C SER A 414 9.54 -6.05 -19.82
N VAL A 415 9.88 -6.50 -18.62
CA VAL A 415 11.26 -6.90 -18.33
C VAL A 415 11.33 -8.34 -17.85
N LEU A 416 10.77 -8.59 -16.67
CA LEU A 416 10.82 -9.92 -16.06
C LEU A 416 10.33 -11.03 -16.99
N ASP A 417 9.12 -10.88 -17.52
CA ASP A 417 8.52 -11.93 -18.33
C ASP A 417 9.14 -12.02 -19.71
N LYS A 418 9.96 -11.03 -20.06
CA LYS A 418 10.68 -11.04 -21.32
C LYS A 418 11.93 -11.92 -21.20
N ILE A 419 12.46 -12.03 -19.99
CA ILE A 419 13.70 -12.75 -19.74
C ILE A 419 13.46 -14.22 -19.39
N VAL A 420 12.49 -14.46 -18.50
CA VAL A 420 12.08 -15.82 -18.17
C VAL A 420 10.57 -15.93 -18.28
N PRO A 421 10.07 -16.13 -19.51
CA PRO A 421 8.63 -16.20 -19.79
C PRO A 421 7.91 -17.22 -18.93
N GLY A 422 6.77 -16.85 -18.37
CA GLY A 422 5.92 -17.78 -17.65
C GLY A 422 6.36 -18.11 -16.24
N TYR A 423 7.43 -17.46 -15.77
CA TYR A 423 7.97 -17.79 -14.44
C TYR A 423 7.61 -16.79 -13.34
N TYR A 424 7.86 -15.50 -13.58
CA TYR A 424 7.65 -14.49 -12.54
C TYR A 424 6.17 -14.20 -12.31
N VAL A 425 5.34 -14.57 -13.27
CA VAL A 425 3.90 -14.33 -13.18
C VAL A 425 3.12 -15.59 -12.81
N ARG A 426 2.05 -15.42 -12.05
CA ARG A 426 1.20 -16.54 -11.67
C ARG A 426 0.28 -16.90 -12.84
N ARG A 427 0.00 -18.18 -13.01
CA ARG A 427 -0.85 -18.65 -14.10
C ARG A 427 -1.90 -19.61 -13.58
N ASP A 428 -3.01 -19.73 -14.31
CA ASP A 428 -4.06 -20.68 -13.93
C ASP A 428 -3.71 -22.08 -14.41
N THR A 429 -4.60 -23.04 -14.13
CA THR A 429 -4.32 -24.45 -14.46
C THR A 429 -4.32 -24.72 -15.97
N ASN A 430 -4.74 -23.73 -16.76
CA ASN A 430 -4.69 -23.85 -18.20
C ASN A 430 -3.46 -23.16 -18.80
N GLY A 431 -2.70 -22.48 -17.95
CA GLY A 431 -1.49 -21.80 -18.39
C GLY A 431 -1.68 -20.33 -18.70
N GLN A 432 -2.91 -19.84 -18.56
CA GLN A 432 -3.18 -18.42 -18.78
C GLN A 432 -2.76 -17.60 -17.57
N ILE A 433 -2.25 -16.40 -17.81
CA ILE A 433 -1.78 -15.53 -16.75
C ILE A 433 -2.92 -15.02 -15.87
N GLU A 434 -2.71 -15.07 -14.55
CA GLU A 434 -3.67 -14.53 -13.59
C GLU A 434 -3.60 -13.01 -13.60
N ASN A 435 -4.78 -12.36 -13.58
CA ASN A 435 -4.84 -10.91 -13.67
C ASN A 435 -5.63 -10.25 -12.53
N SER A 436 -5.97 -11.03 -11.50
CA SER A 436 -6.84 -10.55 -10.42
C SER A 436 -6.32 -9.29 -9.72
N ALA A 437 -5.00 -9.16 -9.60
CA ALA A 437 -4.41 -7.99 -8.95
C ALA A 437 -4.68 -6.74 -9.80
N ALA A 438 -4.66 -6.93 -11.11
CA ALA A 438 -4.95 -5.87 -12.08
C ALA A 438 -4.58 -6.42 -13.44
N MET A 439 -3.35 -6.93 -13.51
CA MET A 439 -2.86 -7.62 -14.69
C MET A 439 -1.50 -8.24 -14.36
N ASN A 440 -1.22 -9.39 -14.94
CA ASN A 440 0.09 -10.01 -14.78
C ASN A 440 0.48 -10.20 -13.31
N ASN A 441 -0.34 -10.94 -12.56
CA ASN A 441 -0.02 -11.25 -11.18
C ASN A 441 1.35 -11.90 -11.05
N THR A 442 2.08 -11.57 -10.01
CA THR A 442 3.36 -12.25 -9.75
C THR A 442 3.13 -13.54 -8.97
N ALA A 443 4.13 -14.40 -8.98
CA ALA A 443 4.10 -15.63 -8.20
C ALA A 443 5.21 -15.64 -7.16
N SER A 444 4.96 -15.01 -6.01
CA SER A 444 5.95 -14.94 -4.95
C SER A 444 6.25 -16.34 -4.39
N GLU A 445 5.38 -17.29 -4.71
CA GLU A 445 5.60 -18.67 -4.30
C GLU A 445 6.73 -19.34 -5.07
N HIS A 446 7.21 -18.67 -6.12
CA HIS A 446 8.37 -19.17 -6.87
C HIS A 446 9.67 -18.60 -6.30
N PHE A 447 10.68 -19.45 -6.18
CA PHE A 447 11.91 -19.12 -5.46
C PHE A 447 12.53 -17.77 -5.83
N MET A 448 12.73 -17.55 -7.12
CA MET A 448 13.44 -16.36 -7.58
C MET A 448 12.58 -15.11 -7.54
N VAL A 449 11.26 -15.29 -7.46
CA VAL A 449 10.38 -14.15 -7.25
C VAL A 449 10.45 -13.73 -5.78
N ASP A 450 10.48 -14.72 -4.90
CA ASP A 450 10.63 -14.47 -3.47
C ASP A 450 11.95 -13.74 -3.22
N ARG A 451 13.01 -14.21 -3.85
CA ARG A 451 14.31 -13.58 -3.70
C ARG A 451 14.31 -12.12 -4.18
N LEU A 452 13.75 -11.90 -5.36
CA LEU A 452 13.74 -10.56 -5.95
C LEU A 452 13.01 -9.57 -5.05
N ILE A 453 11.89 -10.00 -4.48
CA ILE A 453 11.13 -9.15 -3.58
C ILE A 453 11.96 -8.76 -2.35
N VAL A 454 12.56 -9.75 -1.70
CA VAL A 454 13.34 -9.48 -0.51
C VAL A 454 14.59 -8.65 -0.83
N ASP A 455 15.28 -8.99 -1.91
CA ASP A 455 16.42 -8.20 -2.36
C ASP A 455 16.02 -6.74 -2.58
N ASP A 456 14.84 -6.53 -3.17
CA ASP A 456 14.39 -5.16 -3.45
C ASP A 456 14.16 -4.38 -2.17
N LEU A 457 13.49 -5.00 -1.19
CA LEU A 457 13.23 -4.34 0.08
C LEU A 457 14.55 -3.92 0.74
N LEU A 458 15.53 -4.82 0.72
CA LEU A 458 16.84 -4.54 1.29
C LEU A 458 17.51 -3.39 0.55
N ASN A 459 17.36 -3.38 -0.78
CA ASN A 459 17.86 -2.28 -1.60
C ASN A 459 17.37 -0.91 -1.12
N TRP A 460 16.07 -0.78 -0.89
CA TRP A 460 15.49 0.49 -0.47
C TRP A 460 15.83 0.86 0.98
N ALA A 461 15.88 -0.16 1.85
CA ALA A 461 16.22 0.05 3.25
C ALA A 461 17.68 0.49 3.39
N VAL A 462 18.57 -0.17 2.66
CA VAL A 462 20.01 0.10 2.80
C VAL A 462 20.48 1.24 1.91
N ASN A 463 20.17 1.17 0.63
CA ASN A 463 20.65 2.16 -0.32
C ASN A 463 19.94 3.50 -0.22
N TYR A 464 18.71 3.50 0.29
CA TYR A 464 17.93 4.73 0.36
C TYR A 464 17.43 5.03 1.77
N LYS A 465 17.82 4.19 2.72
CA LYS A 465 17.49 4.38 4.13
C LYS A 465 15.99 4.59 4.36
N VAL A 466 15.18 3.82 3.65
CA VAL A 466 13.74 3.89 3.77
C VAL A 466 13.30 3.29 5.12
N ASP A 467 12.28 3.88 5.73
CA ASP A 467 11.94 3.59 7.11
C ASP A 467 10.81 2.56 7.29
N GLY A 468 10.14 2.23 6.20
CA GLY A 468 9.02 1.30 6.27
C GLY A 468 8.42 1.00 4.92
N PHE A 469 7.55 0.00 4.87
CA PHE A 469 6.97 -0.43 3.60
C PHE A 469 5.47 -0.75 3.74
N ARG A 470 4.69 -0.20 2.83
CA ARG A 470 3.28 -0.57 2.68
C ARG A 470 3.15 -1.52 1.50
N PHE A 471 2.64 -2.72 1.76
CA PHE A 471 2.53 -3.74 0.71
C PHE A 471 1.18 -3.72 0.02
N ASP A 472 1.19 -3.31 -1.24
CA ASP A 472 0.01 -3.35 -2.09
C ASP A 472 -0.42 -4.80 -2.25
N LEU A 473 -1.73 -5.06 -2.10
CA LEU A 473 -2.28 -6.40 -2.23
C LEU A 473 -1.41 -7.47 -1.59
N MET A 474 -1.21 -7.34 -0.28
CA MET A 474 -0.36 -8.25 0.48
C MET A 474 -0.93 -9.67 0.50
N GLY A 475 -2.24 -9.79 0.35
CA GLY A 475 -2.88 -11.09 0.29
C GLY A 475 -2.47 -11.90 -0.93
N HIS A 476 -1.87 -11.23 -1.91
CA HIS A 476 -1.40 -11.89 -3.12
C HIS A 476 0.04 -12.37 -2.96
N ILE A 477 0.67 -11.97 -1.85
CA ILE A 477 2.03 -12.38 -1.56
C ILE A 477 1.99 -13.56 -0.58
N MET A 478 2.93 -14.49 -0.71
CA MET A 478 3.03 -15.59 0.26
C MET A 478 3.45 -15.04 1.61
N LYS A 479 2.88 -15.59 2.67
CA LYS A 479 3.25 -15.18 4.03
C LYS A 479 4.73 -15.43 4.30
N ARG A 480 5.26 -16.55 3.82
CA ARG A 480 6.66 -16.89 4.07
C ARG A 480 7.60 -15.85 3.44
N THR A 481 7.14 -15.20 2.39
CA THR A 481 7.90 -14.10 1.79
C THR A 481 7.88 -12.90 2.72
N MET A 482 6.68 -12.55 3.20
CA MET A 482 6.53 -11.45 4.15
C MET A 482 7.38 -11.66 5.40
N MET A 483 7.40 -12.90 5.89
CA MET A 483 8.09 -13.20 7.15
C MET A 483 9.61 -13.21 6.98
N ARG A 484 10.09 -13.71 5.84
CA ARG A 484 11.52 -13.69 5.58
C ARG A 484 12.01 -12.27 5.37
N ALA A 485 11.24 -11.48 4.63
CA ALA A 485 11.56 -10.07 4.45
C ALA A 485 11.64 -9.36 5.81
N LYS A 486 10.73 -9.71 6.70
CA LYS A 486 10.72 -9.13 8.04
C LYS A 486 12.03 -9.44 8.76
N SER A 487 12.46 -10.70 8.71
CA SER A 487 13.67 -11.13 9.39
C SER A 487 14.92 -10.54 8.73
N ALA A 488 14.89 -10.39 7.42
CA ALA A 488 16.04 -9.84 6.71
C ALA A 488 16.18 -8.35 7.01
N LEU A 489 15.07 -7.64 7.06
CA LEU A 489 15.08 -6.21 7.34
C LEU A 489 15.48 -5.92 8.79
N GLN A 490 15.08 -6.80 9.70
CA GLN A 490 15.38 -6.60 11.11
C GLN A 490 16.85 -6.86 11.42
N SER A 491 17.51 -7.60 10.53
CA SER A 491 18.91 -7.97 10.74
C SER A 491 19.87 -6.82 10.38
N LEU A 492 19.34 -5.77 9.76
CA LEU A 492 20.17 -4.64 9.37
C LEU A 492 20.56 -3.79 10.58
N THR A 493 21.84 -3.49 10.70
CA THR A 493 22.33 -2.66 11.80
C THR A 493 23.03 -1.42 11.24
N THR A 494 23.09 -0.37 12.05
CA THR A 494 23.71 0.88 11.62
C THR A 494 25.21 0.71 11.39
N ASP A 495 25.85 -0.11 12.20
CA ASP A 495 27.30 -0.32 12.08
C ASP A 495 27.67 -1.15 10.85
N ALA A 496 26.80 -2.09 10.48
CA ALA A 496 27.09 -2.97 9.36
C ALA A 496 26.46 -2.51 8.05
N HIS A 497 25.28 -1.88 8.13
CA HIS A 497 24.54 -1.51 6.93
C HIS A 497 24.17 -0.03 6.89
N GLY A 498 24.46 0.69 7.97
CA GLY A 498 24.19 2.11 8.01
C GLY A 498 22.75 2.46 8.39
N VAL A 499 21.94 1.43 8.66
CA VAL A 499 20.56 1.64 9.07
C VAL A 499 20.14 0.69 10.18
N ASP A 500 19.30 1.19 11.09
CA ASP A 500 18.76 0.37 12.18
C ASP A 500 17.48 -0.34 11.74
N GLY A 501 17.63 -1.58 11.29
CA GLY A 501 16.51 -2.35 10.78
C GLY A 501 15.43 -2.65 11.81
N SER A 502 15.76 -2.49 13.08
CA SER A 502 14.81 -2.79 14.14
C SER A 502 13.66 -1.79 14.18
N LYS A 503 13.82 -0.66 13.50
CA LYS A 503 12.80 0.39 13.49
C LYS A 503 11.98 0.40 12.19
N ILE A 504 12.31 -0.50 11.27
CA ILE A 504 11.60 -0.57 10.00
C ILE A 504 10.26 -1.27 10.15
N TYR A 505 9.19 -0.58 9.77
CA TYR A 505 7.84 -1.08 9.98
C TYR A 505 7.18 -1.54 8.68
N LEU A 506 6.43 -2.64 8.76
CA LEU A 506 5.77 -3.21 7.59
C LEU A 506 4.26 -3.34 7.81
N TYR A 507 3.50 -3.04 6.76
CA TYR A 507 2.05 -3.22 6.77
C TYR A 507 1.56 -3.33 5.34
N GLY A 508 0.33 -3.80 5.15
CA GLY A 508 -0.22 -3.93 3.81
C GLY A 508 -1.70 -4.24 3.75
N GLU A 509 -2.19 -4.42 2.52
CA GLU A 509 -3.58 -4.77 2.28
C GLU A 509 -3.74 -6.28 2.35
N GLY A 510 -4.33 -6.78 3.42
CA GLY A 510 -4.50 -8.21 3.58
C GLY A 510 -5.76 -8.74 2.93
N TRP A 511 -6.16 -8.17 1.80
CA TRP A 511 -7.39 -8.57 1.14
C TRP A 511 -7.25 -9.99 0.60
N ASP A 512 -8.26 -10.82 0.83
CA ASP A 512 -8.22 -12.21 0.41
C ASP A 512 -9.26 -12.44 -0.67
N PHE A 513 -8.81 -12.60 -1.91
CA PHE A 513 -9.74 -12.80 -3.02
C PHE A 513 -9.12 -13.50 -4.22
N ALA A 514 -9.97 -13.91 -5.15
CA ALA A 514 -9.53 -14.54 -6.39
C ALA A 514 -8.74 -15.84 -6.15
N GLU A 515 -7.68 -16.03 -6.93
CA GLU A 515 -6.99 -17.33 -6.95
C GLU A 515 -6.19 -17.65 -5.68
N VAL A 516 -5.86 -16.63 -4.89
CA VAL A 516 -5.09 -16.85 -3.67
C VAL A 516 -5.98 -17.03 -2.44
N ALA A 517 -7.28 -16.77 -2.60
CA ALA A 517 -8.21 -16.86 -1.49
C ALA A 517 -8.22 -18.25 -0.87
N ARG A 518 -8.38 -18.32 0.45
CA ARG A 518 -8.48 -19.59 1.17
C ARG A 518 -7.22 -20.45 1.05
N ASN A 519 -6.06 -19.79 0.97
CA ASN A 519 -4.78 -20.49 0.97
C ASN A 519 -4.59 -21.40 -0.25
N GLN A 520 -5.30 -21.08 -1.33
CA GLN A 520 -5.29 -21.92 -2.53
C GLN A 520 -3.91 -22.06 -3.18
N ARG A 521 -3.10 -21.02 -3.13
CA ARG A 521 -1.75 -21.08 -3.70
C ARG A 521 -0.72 -21.22 -2.58
N GLY A 522 -1.20 -21.44 -1.37
CA GLY A 522 -0.35 -21.47 -0.19
C GLY A 522 -0.79 -20.43 0.82
N ILE A 523 -0.20 -20.47 2.01
CA ILE A 523 -0.52 -19.49 3.05
C ILE A 523 -0.10 -18.10 2.60
N ASN A 524 -1.08 -17.29 2.25
CA ASN A 524 -0.84 -15.97 1.70
C ASN A 524 -0.96 -14.88 2.76
N GLY A 525 -0.65 -13.64 2.39
CA GLY A 525 -0.60 -12.55 3.35
C GLY A 525 -1.93 -11.88 3.63
N SER A 526 -2.96 -12.68 3.87
CA SER A 526 -4.29 -12.15 4.17
C SER A 526 -4.36 -11.64 5.61
N GLN A 527 -5.41 -10.88 5.91
CA GLN A 527 -5.63 -10.35 7.25
C GLN A 527 -5.51 -11.43 8.33
N LEU A 528 -6.22 -12.54 8.14
CA LEU A 528 -6.24 -13.61 9.14
C LEU A 528 -4.90 -14.31 9.27
N ASN A 529 -4.21 -14.50 8.15
CA ASN A 529 -2.92 -15.18 8.17
C ASN A 529 -1.82 -14.34 8.79
N MET A 530 -1.96 -13.02 8.68
CA MET A 530 -0.94 -12.10 9.20
C MET A 530 -1.17 -11.73 10.67
N SER A 531 -2.22 -12.28 11.28
CA SER A 531 -2.41 -12.15 12.71
C SER A 531 -1.28 -12.85 13.45
N GLY A 532 -0.64 -12.15 14.37
CA GLY A 532 0.44 -12.73 15.15
C GLY A 532 1.78 -12.68 14.44
N THR A 533 1.93 -11.76 13.50
CA THR A 533 3.17 -11.61 12.75
C THR A 533 3.86 -10.28 13.01
N GLY A 534 3.15 -9.35 13.66
CA GLY A 534 3.67 -8.02 13.89
C GLY A 534 3.67 -7.17 12.64
N ILE A 535 3.04 -7.67 11.59
CA ILE A 535 2.90 -6.92 10.35
C ILE A 535 1.47 -6.38 10.23
N GLY A 536 1.35 -5.06 10.08
CA GLY A 536 0.05 -4.43 10.03
C GLY A 536 -0.79 -4.75 8.80
N SER A 537 -2.10 -4.64 8.94
CA SER A 537 -2.99 -4.71 7.81
C SER A 537 -4.13 -3.71 7.99
N PHE A 538 -4.63 -3.18 6.88
CA PHE A 538 -5.69 -2.18 6.95
C PHE A 538 -6.97 -2.76 7.53
N ASN A 539 -7.55 -2.02 8.47
CA ASN A 539 -8.80 -2.40 9.09
C ASN A 539 -9.99 -1.87 8.31
N ASP A 540 -10.51 -2.68 7.39
CA ASP A 540 -11.67 -2.28 6.59
C ASP A 540 -12.97 -2.29 7.39
N ARG A 541 -12.96 -2.93 8.55
CA ARG A 541 -14.15 -2.97 9.39
C ARG A 541 -14.49 -1.60 9.96
N ILE A 542 -13.50 -0.93 10.55
CA ILE A 542 -13.74 0.38 11.14
C ILE A 542 -14.00 1.43 10.06
N ARG A 543 -13.34 1.27 8.92
CA ARG A 543 -13.55 2.15 7.77
C ARG A 543 -15.01 2.18 7.33
N ASP A 544 -15.57 0.99 7.08
CA ASP A 544 -16.93 0.88 6.58
C ASP A 544 -17.97 1.16 7.67
N ALA A 545 -17.65 0.85 8.91
CA ALA A 545 -18.57 1.09 10.02
C ALA A 545 -18.74 2.59 10.24
N ILE A 546 -17.65 3.34 10.10
CA ILE A 546 -17.68 4.78 10.29
C ILE A 546 -18.34 5.50 9.10
N ASN A 547 -17.90 5.18 7.90
CA ASN A 547 -18.40 5.85 6.70
C ASN A 547 -19.75 5.31 6.25
N GLY A 548 -19.92 4.00 6.40
CA GLY A 548 -21.15 3.35 5.97
C GLY A 548 -20.98 2.63 4.65
N GLY A 549 -21.71 1.54 4.47
CA GLY A 549 -21.69 0.79 3.23
C GLY A 549 -20.34 0.13 2.98
N ASN A 550 -19.88 0.22 1.74
CA ASN A 550 -18.62 -0.39 1.35
C ASN A 550 -18.17 0.10 -0.03
N PRO A 551 -16.89 -0.08 -0.36
CA PRO A 551 -16.35 0.47 -1.61
C PRO A 551 -17.10 0.03 -2.87
N PHE A 552 -17.90 -1.02 -2.77
CA PHE A 552 -18.59 -1.57 -3.93
C PHE A 552 -20.11 -1.43 -3.87
N GLY A 553 -20.63 -1.08 -2.70
CA GLY A 553 -22.07 -0.99 -2.51
C GLY A 553 -22.67 0.34 -2.96
N ASN A 554 -23.94 0.55 -2.64
CA ASN A 554 -24.62 1.80 -2.94
C ASN A 554 -23.95 2.96 -2.19
N PRO A 555 -23.60 4.02 -2.92
CA PRO A 555 -22.86 5.17 -2.37
C PRO A 555 -23.63 5.90 -1.28
N LEU A 556 -24.95 5.71 -1.24
CA LEU A 556 -25.79 6.45 -0.29
C LEU A 556 -26.01 5.72 1.03
N GLN A 557 -25.45 4.52 1.16
CA GLN A 557 -25.55 3.77 2.41
C GLN A 557 -24.82 4.50 3.54
N GLN A 558 -25.55 4.81 4.60
CA GLN A 558 -25.01 5.62 5.69
C GLN A 558 -24.33 4.79 6.78
N GLY A 559 -23.46 5.44 7.55
CA GLY A 559 -22.75 4.78 8.63
C GLY A 559 -22.83 5.54 9.95
N PHE A 560 -22.05 5.10 10.92
CA PHE A 560 -22.04 5.72 12.25
C PHE A 560 -21.78 7.21 12.18
N ASN A 561 -20.88 7.61 11.28
CA ASN A 561 -20.48 9.01 11.19
C ASN A 561 -20.99 9.72 9.93
N THR A 562 -22.00 9.15 9.28
CA THR A 562 -22.58 9.80 8.11
C THR A 562 -24.10 9.87 8.19
N GLY A 563 -24.65 9.67 9.39
CA GLY A 563 -26.06 9.93 9.63
C GLY A 563 -27.00 8.75 9.73
N LEU A 564 -26.45 7.54 9.78
CA LEU A 564 -27.29 6.34 9.87
C LEU A 564 -28.22 6.43 11.08
N PHE A 565 -29.52 6.31 10.83
CA PHE A 565 -30.55 6.40 11.86
C PHE A 565 -30.74 7.82 12.40
N LEU A 566 -29.65 8.41 12.87
CA LEU A 566 -29.68 9.73 13.48
C LEU A 566 -30.11 10.84 12.52
N GLU A 567 -29.65 10.73 11.27
CA GLU A 567 -29.96 11.74 10.26
C GLU A 567 -30.11 11.09 8.89
N PRO A 568 -31.26 10.45 8.64
CA PRO A 568 -31.54 9.76 7.38
C PRO A 568 -31.38 10.69 6.19
N ASN A 569 -30.71 10.23 5.14
CA ASN A 569 -30.48 11.05 3.95
C ASN A 569 -31.57 10.92 2.89
N GLY A 570 -32.62 10.18 3.19
CA GLY A 570 -33.73 10.03 2.26
C GLY A 570 -33.66 8.73 1.49
N PHE A 571 -32.46 8.29 1.16
CA PHE A 571 -32.28 7.00 0.52
C PHE A 571 -32.79 5.91 1.46
N TYR A 572 -33.78 5.14 1.01
CA TYR A 572 -34.38 4.13 1.87
C TYR A 572 -33.37 3.08 2.30
N GLN A 573 -33.24 2.89 3.61
CA GLN A 573 -32.31 1.92 4.17
C GLN A 573 -32.99 1.12 5.28
N GLY A 574 -34.32 1.03 5.21
CA GLY A 574 -35.09 0.27 6.17
C GLY A 574 -35.87 1.16 7.13
N ASN A 575 -36.64 0.54 8.01
CA ASN A 575 -37.33 1.29 9.05
C ASN A 575 -36.33 1.72 10.11
N GLU A 576 -36.75 2.61 11.00
CA GLU A 576 -35.85 3.15 12.02
C GLU A 576 -35.33 2.05 12.94
N ALA A 577 -36.11 0.99 13.13
CA ALA A 577 -35.70 -0.13 13.95
C ALA A 577 -34.48 -0.82 13.35
N ASP A 578 -34.51 -1.01 12.03
CA ASP A 578 -33.39 -1.60 11.31
C ASP A 578 -32.15 -0.70 11.35
N THR A 579 -32.33 0.58 11.04
CA THR A 579 -31.21 1.51 10.98
C THR A 579 -30.58 1.73 12.34
N ARG A 580 -31.40 1.69 13.39
CA ARG A 580 -30.89 1.86 14.75
C ARG A 580 -30.07 0.64 15.14
N ARG A 581 -30.55 -0.54 14.75
CA ARG A 581 -29.82 -1.77 15.02
C ARG A 581 -28.51 -1.82 14.25
N SER A 582 -28.55 -1.39 12.99
CA SER A 582 -27.33 -1.34 12.18
C SER A 582 -26.34 -0.34 12.76
N LEU A 583 -26.86 0.78 13.26
CA LEU A 583 -26.03 1.80 13.89
C LEU A 583 -25.31 1.22 15.10
N ALA A 584 -26.05 0.52 15.95
CA ALA A 584 -25.49 -0.10 17.15
C ALA A 584 -24.45 -1.16 16.77
N THR A 585 -24.72 -1.87 15.68
CA THR A 585 -23.78 -2.87 15.17
C THR A 585 -22.47 -2.21 14.72
N TYR A 586 -22.58 -1.14 13.95
CA TYR A 586 -21.40 -0.39 13.54
C TYR A 586 -20.64 0.11 14.76
N ALA A 587 -21.39 0.54 15.78
CA ALA A 587 -20.79 1.04 17.01
C ALA A 587 -19.89 -0.01 17.66
N ASP A 588 -20.39 -1.24 17.72
CA ASP A 588 -19.60 -2.36 18.25
C ASP A 588 -18.32 -2.56 17.46
N GLN A 589 -18.44 -2.58 16.13
CA GLN A 589 -17.30 -2.81 15.25
C GLN A 589 -16.24 -1.72 15.43
N ILE A 590 -16.71 -0.48 15.52
CA ILE A 590 -15.82 0.66 15.68
C ILE A 590 -15.06 0.57 17.01
N GLN A 591 -15.74 0.15 18.06
CA GLN A 591 -15.13 0.08 19.37
C GLN A 591 -14.08 -1.03 19.46
N ILE A 592 -14.34 -2.15 18.78
CA ILE A 592 -13.34 -3.20 18.68
C ILE A 592 -12.11 -2.65 17.97
N GLY A 593 -12.34 -1.85 16.92
CA GLY A 593 -11.26 -1.20 16.20
C GLY A 593 -10.53 -0.18 17.05
N LEU A 594 -11.28 0.56 17.85
CA LEU A 594 -10.70 1.57 18.74
C LEU A 594 -9.76 0.94 19.77
N ALA A 595 -10.00 -0.33 20.08
CA ALA A 595 -9.17 -1.06 21.04
C ALA A 595 -8.12 -1.91 20.33
N GLY A 596 -7.73 -1.49 19.13
CA GLY A 596 -6.65 -2.14 18.41
C GLY A 596 -7.10 -3.31 17.55
N ASN A 597 -8.42 -3.45 17.39
CA ASN A 597 -9.01 -4.51 16.60
C ASN A 597 -8.50 -5.90 16.97
N LEU A 598 -8.34 -6.13 18.27
CA LEU A 598 -7.84 -7.40 18.78
C LEU A 598 -8.89 -8.50 18.71
N ARG A 599 -8.46 -9.71 18.40
CA ARG A 599 -9.37 -10.84 18.33
C ARG A 599 -9.86 -11.26 19.72
N ASP A 600 -9.10 -10.91 20.76
CA ASP A 600 -9.37 -11.39 22.11
C ASP A 600 -9.88 -10.33 23.08
N TYR A 601 -9.96 -9.08 22.65
CA TYR A 601 -10.53 -8.03 23.50
C TYR A 601 -12.02 -8.29 23.70
N VAL A 602 -12.48 -8.17 24.95
CA VAL A 602 -13.89 -8.44 25.26
C VAL A 602 -14.72 -7.17 25.35
N LEU A 603 -15.70 -7.05 24.48
CA LEU A 603 -16.60 -5.90 24.46
C LEU A 603 -18.00 -6.31 24.90
N ILE A 604 -18.65 -5.46 25.69
CA ILE A 604 -20.07 -5.59 25.94
C ILE A 604 -20.78 -5.10 24.68
N SER A 605 -21.37 -6.03 23.92
CA SER A 605 -21.99 -5.67 22.65
C SER A 605 -23.32 -4.95 22.87
N HIS A 606 -23.91 -4.48 21.77
CA HIS A 606 -25.15 -3.72 21.84
C HIS A 606 -26.31 -4.57 22.37
N THR A 607 -26.15 -5.89 22.31
CA THR A 607 -27.17 -6.80 22.82
C THR A 607 -27.07 -6.97 24.33
N GLY A 608 -25.98 -6.45 24.90
CA GLY A 608 -25.72 -6.59 26.31
C GLY A 608 -24.87 -7.82 26.60
N GLU A 609 -24.57 -8.59 25.56
CA GLU A 609 -23.77 -9.80 25.69
C GLU A 609 -22.28 -9.52 25.51
N ALA A 610 -21.47 -10.13 26.36
CA ALA A 610 -20.01 -9.98 26.26
C ALA A 610 -19.47 -10.82 25.11
N LYS A 611 -18.66 -10.20 24.27
CA LYS A 611 -18.11 -10.88 23.11
C LYS A 611 -16.68 -10.46 22.79
N LYS A 612 -15.86 -11.42 22.39
CA LYS A 612 -14.51 -11.12 21.94
C LYS A 612 -14.57 -10.43 20.58
N GLY A 613 -13.51 -9.68 20.24
CA GLY A 613 -13.46 -8.99 18.97
C GLY A 613 -13.69 -9.92 17.79
N SER A 614 -13.24 -11.16 17.91
CA SER A 614 -13.39 -12.14 16.83
C SER A 614 -14.79 -12.74 16.79
N GLU A 615 -15.55 -12.58 17.87
CA GLU A 615 -16.90 -13.11 17.95
C GLU A 615 -17.93 -12.12 17.45
N ILE A 616 -17.54 -10.85 17.37
CA ILE A 616 -18.36 -9.83 16.72
C ILE A 616 -18.08 -9.90 15.22
N HIS A 617 -19.13 -10.08 14.43
CA HIS A 617 -18.95 -10.30 13.00
C HIS A 617 -19.47 -9.16 12.13
N THR A 618 -18.89 -9.02 10.95
CA THR A 618 -19.38 -8.09 9.95
C THR A 618 -20.66 -8.65 9.35
N PHE A 619 -21.32 -7.86 8.52
CA PHE A 619 -22.57 -8.28 7.89
C PHE A 619 -22.38 -9.52 7.02
N ASP A 620 -21.16 -9.76 6.56
CA ASP A 620 -20.90 -10.91 5.69
C ASP A 620 -20.20 -12.07 6.39
N GLY A 621 -20.30 -12.11 7.72
CA GLY A 621 -19.86 -13.26 8.49
C GLY A 621 -18.40 -13.31 8.88
N LEU A 622 -17.69 -12.19 8.72
CA LEU A 622 -16.26 -12.15 9.04
C LEU A 622 -16.00 -11.66 10.46
N PRO A 623 -14.94 -12.17 11.10
CA PRO A 623 -14.52 -11.70 12.43
C PRO A 623 -14.07 -10.26 12.33
N VAL A 624 -14.65 -9.37 13.15
CA VAL A 624 -14.27 -7.97 13.13
C VAL A 624 -12.85 -7.78 13.62
N GLY A 625 -12.60 -8.20 14.87
CA GLY A 625 -11.26 -8.14 15.43
C GLY A 625 -10.48 -9.41 15.11
N TYR A 626 -9.25 -9.26 14.64
CA TYR A 626 -8.49 -10.43 14.19
C TYR A 626 -7.00 -10.41 14.56
N THR A 627 -6.52 -9.31 15.12
CA THR A 627 -5.09 -9.16 15.40
C THR A 627 -4.67 -9.69 16.76
N ALA A 628 -3.37 -9.85 16.94
CA ALA A 628 -2.80 -10.27 18.22
C ALA A 628 -2.13 -9.09 18.91
N SER A 629 -2.18 -7.93 18.27
CA SER A 629 -1.48 -6.75 18.76
C SER A 629 -2.00 -5.49 18.09
N PRO A 630 -2.02 -4.37 18.82
CA PRO A 630 -2.44 -3.09 18.23
C PRO A 630 -1.57 -2.71 17.03
N ILE A 631 -0.31 -3.13 17.03
CA ILE A 631 0.59 -2.76 15.93
C ILE A 631 0.30 -3.54 14.65
N GLU A 632 -0.65 -4.47 14.72
CA GLU A 632 -1.07 -5.24 13.56
C GLU A 632 -2.31 -4.64 12.89
N THR A 633 -2.80 -3.53 13.45
N THR A 633 -2.76 -3.51 13.43
N THR A 633 -2.77 -3.52 13.45
CA THR A 633 -3.98 -2.87 12.90
CA THR A 633 -3.97 -2.85 12.96
CA THR A 633 -3.95 -2.85 12.92
C THR A 633 -3.67 -1.47 12.39
C THR A 633 -3.68 -1.45 12.41
C THR A 633 -3.62 -1.46 12.37
N ILE A 634 -4.08 -1.22 11.15
CA ILE A 634 -3.94 0.10 10.54
C ILE A 634 -5.36 0.65 10.45
N ASN A 635 -5.72 1.56 11.35
CA ASN A 635 -7.07 2.11 11.36
C ASN A 635 -7.20 3.29 10.41
N TYR A 636 -8.16 3.23 9.49
CA TYR A 636 -8.35 4.32 8.53
C TYR A 636 -9.80 4.49 8.11
N VAL A 637 -10.12 5.69 7.63
CA VAL A 637 -11.45 5.98 7.11
C VAL A 637 -11.33 6.51 5.69
N SER A 638 -10.10 6.71 5.24
CA SER A 638 -9.85 7.27 3.92
C SER A 638 -8.48 6.87 3.38
N ALA A 639 -8.32 6.95 2.07
CA ALA A 639 -7.05 6.63 1.41
C ALA A 639 -7.11 7.14 -0.02
N HIS A 640 -6.02 6.94 -0.76
CA HIS A 640 -5.95 7.43 -2.14
C HIS A 640 -7.05 6.80 -3.00
N ASP A 641 -7.33 5.52 -2.77
CA ASP A 641 -8.38 4.87 -3.54
C ASP A 641 -9.75 5.12 -2.92
N ASN A 642 -10.79 5.04 -3.73
CA ASN A 642 -12.14 5.40 -3.30
C ASN A 642 -12.27 6.90 -3.05
N GLU A 643 -13.40 7.33 -2.51
CA GLU A 643 -13.68 8.74 -2.32
C GLU A 643 -12.89 9.31 -1.15
N THR A 644 -12.49 10.57 -1.24
CA THR A 644 -11.82 11.23 -0.12
C THR A 644 -12.79 11.30 1.06
N LEU A 645 -12.26 11.59 2.24
CA LEU A 645 -13.10 11.71 3.43
C LEU A 645 -14.20 12.75 3.24
N PHE A 646 -13.82 13.93 2.74
CA PHE A 646 -14.77 15.02 2.57
C PHE A 646 -15.84 14.66 1.54
N ASP A 647 -15.43 13.95 0.49
CA ASP A 647 -16.36 13.57 -0.56
C ASP A 647 -17.35 12.50 -0.11
N VAL A 648 -16.85 11.51 0.63
CA VAL A 648 -17.74 10.45 1.09
C VAL A 648 -18.78 11.02 2.03
N ILE A 649 -18.37 11.96 2.87
CA ILE A 649 -19.27 12.63 3.80
C ILE A 649 -20.28 13.51 3.06
N SER A 650 -19.81 14.20 2.01
CA SER A 650 -20.68 15.06 1.21
C SER A 650 -21.73 14.26 0.45
N VAL A 651 -21.43 12.99 0.19
CA VAL A 651 -22.34 12.11 -0.54
C VAL A 651 -23.36 11.42 0.37
N LYS A 652 -22.90 10.95 1.54
CA LYS A 652 -23.74 10.13 2.42
C LYS A 652 -24.63 10.91 3.40
N THR A 653 -24.18 12.08 3.83
CA THR A 653 -24.97 12.86 4.79
C THR A 653 -26.17 13.52 4.11
N PRO A 654 -27.19 13.89 4.90
CA PRO A 654 -28.33 14.61 4.31
C PRO A 654 -27.85 15.86 3.58
N MET A 655 -28.44 16.15 2.44
CA MET A 655 -28.03 17.30 1.64
C MET A 655 -28.30 18.62 2.36
N ILE A 656 -29.20 18.58 3.34
CA ILE A 656 -29.62 19.79 4.03
C ILE A 656 -28.52 20.35 4.94
N LEU A 657 -27.56 19.51 5.30
CA LEU A 657 -26.50 19.93 6.22
C LEU A 657 -25.67 21.07 5.64
N SER A 658 -25.25 21.99 6.51
CA SER A 658 -24.33 23.04 6.10
C SER A 658 -22.93 22.44 5.94
N VAL A 659 -22.07 23.11 5.19
CA VAL A 659 -20.68 22.67 5.05
C VAL A 659 -19.98 22.79 6.40
N ASP A 660 -20.50 23.66 7.26
CA ASP A 660 -19.97 23.83 8.60
C ASP A 660 -20.18 22.56 9.43
N GLU A 661 -21.34 21.94 9.26
CA GLU A 661 -21.63 20.70 9.98
C GLU A 661 -20.82 19.54 9.43
N ARG A 662 -20.66 19.49 8.11
CA ARG A 662 -19.89 18.43 7.48
C ARG A 662 -18.41 18.54 7.84
N CYS A 663 -17.93 19.77 7.99
CA CYS A 663 -16.56 20.00 8.46
C CYS A 663 -16.34 19.36 9.83
N ARG A 664 -17.32 19.50 10.73
CA ARG A 664 -17.23 18.87 12.04
C ARG A 664 -17.27 17.34 11.92
N ILE A 665 -18.00 16.87 10.92
CA ILE A 665 -18.12 15.43 10.68
C ILE A 665 -16.80 14.85 10.15
N ASN A 666 -16.13 15.59 9.27
CA ASN A 666 -14.80 15.22 8.82
C ASN A 666 -13.86 15.05 9.99
N HIS A 667 -13.88 16.01 10.92
CA HIS A 667 -12.98 15.98 12.06
C HIS A 667 -13.26 14.81 13.00
N LEU A 668 -14.54 14.48 13.17
CA LEU A 668 -14.92 13.36 14.01
C LEU A 668 -14.33 12.05 13.47
N ALA A 669 -14.32 11.92 12.15
CA ALA A 669 -13.81 10.71 11.51
C ALA A 669 -12.30 10.58 11.73
N SER A 670 -11.56 11.65 11.45
N SER A 670 -11.58 11.65 11.44
CA SER A 670 -10.12 11.64 11.59
CA SER A 670 -10.13 11.67 11.60
C SER A 670 -9.71 11.55 13.07
C SER A 670 -9.75 11.49 13.06
N SER A 671 -10.57 12.04 13.95
CA SER A 671 -10.29 11.98 15.39
C SER A 671 -10.50 10.57 15.94
N MET A 672 -11.43 9.83 15.34
CA MET A 672 -11.62 8.43 15.70
C MET A 672 -10.38 7.59 15.37
N MET A 673 -9.71 7.93 14.27
CA MET A 673 -8.45 7.27 13.94
C MET A 673 -7.34 7.77 14.86
N ALA A 674 -7.23 9.09 14.98
CA ALA A 674 -6.15 9.73 15.71
C ALA A 674 -6.11 9.40 17.20
N LEU A 675 -7.25 8.97 17.75
CA LEU A 675 -7.32 8.66 19.17
C LEU A 675 -7.56 7.17 19.42
N SER A 676 -7.43 6.36 18.38
CA SER A 676 -7.62 4.92 18.52
C SER A 676 -6.36 4.21 18.98
N GLN A 677 -6.52 3.05 19.61
CA GLN A 677 -5.40 2.17 19.86
C GLN A 677 -5.06 1.53 18.53
N GLY A 678 -3.79 1.23 18.32
CA GLY A 678 -3.34 0.76 17.01
C GLY A 678 -2.67 1.88 16.25
N ILE A 679 -2.56 1.72 14.94
CA ILE A 679 -1.83 2.67 14.11
C ILE A 679 -2.77 3.48 13.21
N PRO A 680 -2.93 4.79 13.52
CA PRO A 680 -3.80 5.66 12.73
C PRO A 680 -3.21 5.95 11.35
N PHE A 681 -4.07 5.92 10.33
CA PHE A 681 -3.65 6.13 8.95
C PHE A 681 -4.50 7.26 8.38
N PHE A 682 -3.84 8.31 7.90
CA PHE A 682 -4.53 9.46 7.34
C PHE A 682 -4.22 9.59 5.85
N HIS A 683 -5.26 9.86 5.06
CA HIS A 683 -5.06 10.21 3.66
C HIS A 683 -4.69 11.69 3.58
N ALA A 684 -3.65 12.00 2.81
CA ALA A 684 -3.25 13.40 2.63
C ALA A 684 -4.47 14.19 2.18
N GLY A 685 -4.85 15.18 2.97
CA GLY A 685 -6.02 15.98 2.65
C GLY A 685 -7.15 15.84 3.66
N ASP A 686 -7.15 14.76 4.43
CA ASP A 686 -8.09 14.60 5.53
C ASP A 686 -8.15 15.88 6.36
N GLU A 687 -6.98 16.47 6.59
CA GLU A 687 -6.84 17.58 7.51
C GLU A 687 -7.29 18.92 6.91
N ILE A 688 -7.55 18.93 5.60
CA ILE A 688 -7.94 20.16 4.92
C ILE A 688 -9.14 19.99 3.99
N LEU A 689 -9.98 19.00 4.30
CA LEU A 689 -11.24 18.82 3.58
C LEU A 689 -11.04 18.55 2.10
N ARG A 690 -9.92 17.92 1.75
CA ARG A 690 -9.58 17.65 0.36
C ARG A 690 -10.67 16.92 -0.40
N SER A 691 -11.01 17.44 -1.58
CA SER A 691 -11.97 16.81 -2.46
C SER A 691 -11.32 16.40 -3.78
N LYS A 692 -11.90 15.42 -4.44
CA LYS A 692 -11.51 15.05 -5.80
C LYS A 692 -12.71 15.22 -6.71
N SER A 693 -13.64 16.08 -6.32
CA SER A 693 -14.88 16.26 -7.05
C SER A 693 -15.64 14.94 -7.12
N ILE A 694 -15.51 14.15 -6.05
CA ILE A 694 -16.18 12.86 -5.89
C ILE A 694 -15.65 11.74 -6.79
N ASP A 695 -14.43 11.90 -7.28
CA ASP A 695 -13.75 10.85 -8.04
C ASP A 695 -13.48 9.67 -7.11
N ARG A 696 -13.93 8.48 -7.48
CA ARG A 696 -13.73 7.29 -6.65
C ARG A 696 -12.48 6.49 -7.03
N ASP A 697 -11.87 6.84 -8.15
CA ASP A 697 -10.68 6.12 -8.60
C ASP A 697 -9.84 7.06 -9.49
N SER A 698 -9.15 7.99 -8.85
CA SER A 698 -8.47 9.08 -9.55
C SER A 698 -7.05 8.76 -10.02
N TYR A 699 -6.76 7.47 -10.18
CA TYR A 699 -5.42 7.04 -10.56
C TYR A 699 -4.90 7.67 -11.84
N ASN A 700 -5.81 8.04 -12.73
CA ASN A 700 -5.45 8.57 -14.04
C ASN A 700 -6.16 9.88 -14.32
N SER A 701 -6.60 10.55 -13.25
CA SER A 701 -7.43 11.74 -13.35
C SER A 701 -6.64 13.05 -13.36
N GLY A 702 -5.32 12.93 -13.50
CA GLY A 702 -4.47 14.10 -13.68
C GLY A 702 -4.38 15.03 -12.48
N ASP A 703 -3.63 16.11 -12.63
CA ASP A 703 -3.48 17.09 -11.56
C ASP A 703 -4.79 17.78 -11.25
N TRP A 704 -5.68 17.86 -12.24
CA TRP A 704 -6.93 18.61 -12.07
C TRP A 704 -7.81 18.05 -10.95
N PHE A 705 -8.07 16.74 -11.00
CA PHE A 705 -8.97 16.13 -10.02
C PHE A 705 -8.24 15.72 -8.74
N ASN A 706 -6.92 15.74 -8.76
CA ASN A 706 -6.11 15.35 -7.61
C ASN A 706 -5.46 16.53 -6.90
N LYS A 707 -5.86 17.73 -7.31
CA LYS A 707 -5.24 18.96 -6.79
C LYS A 707 -5.10 18.98 -5.28
N LEU A 708 -3.89 19.27 -4.80
CA LEU A 708 -3.66 19.61 -3.40
C LEU A 708 -3.34 21.10 -3.30
N ASP A 709 -4.16 21.85 -2.57
CA ASP A 709 -4.02 23.30 -2.51
C ASP A 709 -3.49 23.77 -1.16
N PHE A 710 -2.19 24.04 -1.09
CA PHE A 710 -1.59 24.45 0.17
C PHE A 710 -1.66 25.96 0.45
N THR A 711 -2.44 26.67 -0.37
CA THR A 711 -2.79 28.05 -0.05
C THR A 711 -4.05 28.05 0.81
N TYR A 712 -4.71 26.89 0.86
CA TYR A 712 -5.93 26.71 1.64
C TYR A 712 -7.10 27.57 1.16
N GLU A 713 -6.99 28.09 -0.05
CA GLU A 713 -8.09 28.88 -0.62
C GLU A 713 -9.21 27.99 -1.14
N THR A 714 -8.86 26.78 -1.60
CA THR A 714 -9.85 25.82 -2.10
C THR A 714 -9.52 24.40 -1.65
N ASN A 715 -10.51 23.52 -1.74
CA ASN A 715 -10.32 22.10 -1.43
C ASN A 715 -10.54 21.23 -2.66
N ASN A 716 -10.73 21.87 -3.82
CA ASN A 716 -10.94 21.18 -5.09
C ASN A 716 -12.34 20.55 -5.25
N TRP A 717 -13.29 21.01 -4.45
CA TRP A 717 -14.67 20.59 -4.61
C TRP A 717 -15.33 21.37 -5.75
N GLY A 718 -16.20 20.70 -6.49
CA GLY A 718 -16.95 21.35 -7.56
C GLY A 718 -16.10 21.78 -8.74
N VAL A 719 -15.21 20.91 -9.20
CA VAL A 719 -14.41 21.20 -10.37
C VAL A 719 -14.81 20.30 -11.55
N GLY A 720 -16.11 20.00 -11.63
CA GLY A 720 -16.64 19.17 -12.69
C GLY A 720 -16.86 17.72 -12.29
N LEU A 721 -17.76 17.04 -12.99
CA LEU A 721 -17.97 15.61 -12.78
C LEU A 721 -16.67 14.87 -13.05
N PRO A 722 -16.38 13.84 -12.23
CA PRO A 722 -15.14 13.07 -12.39
C PRO A 722 -15.22 12.19 -13.63
N PRO A 723 -14.07 11.73 -14.15
CA PRO A 723 -14.00 10.95 -15.38
C PRO A 723 -15.02 9.81 -15.46
N SER A 724 -15.71 9.71 -16.59
CA SER A 724 -16.81 8.76 -16.74
C SER A 724 -16.38 7.31 -16.56
N GLU A 725 -15.15 7.00 -16.98
CA GLU A 725 -14.64 5.64 -16.91
C GLU A 725 -14.96 4.94 -15.59
N LYS A 726 -14.77 5.64 -14.48
CA LYS A 726 -14.97 5.05 -13.16
C LYS A 726 -16.12 5.68 -12.37
N ASN A 727 -16.75 6.71 -12.94
CA ASN A 727 -17.69 7.53 -12.17
C ASN A 727 -19.07 7.77 -12.80
N GLU A 728 -19.19 7.55 -14.11
CA GLU A 728 -20.40 7.95 -14.83
C GLU A 728 -21.70 7.44 -14.20
N ASP A 729 -21.68 6.21 -13.69
CA ASP A 729 -22.87 5.60 -13.10
C ASP A 729 -23.38 6.37 -11.89
N ASN A 730 -22.52 7.18 -11.29
CA ASN A 730 -22.88 7.97 -10.12
C ASN A 730 -23.01 9.46 -10.41
N TRP A 731 -22.84 9.83 -11.66
CA TRP A 731 -22.95 11.24 -12.08
C TRP A 731 -24.25 11.91 -11.66
N PRO A 732 -25.38 11.21 -11.75
CA PRO A 732 -26.65 11.85 -11.39
C PRO A 732 -26.69 12.31 -9.93
N LEU A 733 -26.04 11.60 -9.02
CA LEU A 733 -26.04 12.01 -7.61
C LEU A 733 -24.93 13.02 -7.32
N MET A 734 -23.92 13.05 -8.17
CA MET A 734 -22.81 13.99 -8.00
C MET A 734 -23.18 15.40 -8.44
N LYS A 735 -23.84 15.50 -9.59
CA LYS A 735 -24.14 16.78 -10.22
C LYS A 735 -24.84 17.78 -9.29
N PRO A 736 -25.93 17.35 -8.63
CA PRO A 736 -26.68 18.28 -7.76
C PRO A 736 -25.82 18.79 -6.61
N ARG A 737 -24.96 17.94 -6.06
CA ARG A 737 -24.11 18.33 -4.94
C ARG A 737 -22.98 19.26 -5.39
N LEU A 738 -22.33 18.90 -6.50
CA LEU A 738 -21.25 19.72 -7.02
C LEU A 738 -21.74 21.12 -7.41
N GLU A 739 -22.98 21.21 -7.88
CA GLU A 739 -23.53 22.48 -8.33
C GLU A 739 -24.02 23.36 -7.18
N ASN A 740 -24.16 22.77 -5.99
CA ASN A 740 -24.71 23.50 -4.85
C ASN A 740 -23.64 24.24 -4.07
N PRO A 741 -23.72 25.59 -4.07
CA PRO A 741 -22.71 26.45 -3.45
C PRO A 741 -22.55 26.16 -1.96
N SER A 742 -23.61 25.67 -1.33
CA SER A 742 -23.59 25.40 0.11
C SER A 742 -22.73 24.18 0.47
N PHE A 743 -22.31 23.43 -0.54
CA PHE A 743 -21.48 22.25 -0.32
C PHE A 743 -19.99 22.59 -0.29
N LYS A 744 -19.65 23.75 -0.83
CA LYS A 744 -18.26 24.18 -0.92
C LYS A 744 -17.80 24.91 0.33
N PRO A 745 -16.68 24.47 0.92
CA PRO A 745 -16.14 25.15 2.09
C PRO A 745 -15.31 26.37 1.70
N ALA A 746 -15.16 27.32 2.61
CA ALA A 746 -14.30 28.46 2.37
C ALA A 746 -12.95 28.24 3.05
N LYS A 747 -12.04 29.19 2.86
CA LYS A 747 -10.73 29.13 3.51
C LYS A 747 -10.86 28.94 5.01
N GLY A 748 -11.80 29.67 5.61
CA GLY A 748 -12.03 29.59 7.04
C GLY A 748 -12.32 28.18 7.53
N HIS A 749 -13.12 27.44 6.77
CA HIS A 749 -13.44 26.05 7.10
C HIS A 749 -12.21 25.16 6.99
N ILE A 750 -11.49 25.31 5.89
CA ILE A 750 -10.31 24.50 5.63
C ILE A 750 -9.28 24.69 6.72
N LEU A 751 -9.03 25.94 7.10
CA LEU A 751 -8.08 26.26 8.15
C LEU A 751 -8.54 25.75 9.52
N ALA A 752 -9.83 25.81 9.77
CA ALA A 752 -10.38 25.32 11.04
C ALA A 752 -10.18 23.81 11.18
N ALA A 753 -10.44 23.07 10.11
CA ALA A 753 -10.26 21.62 10.11
C ALA A 753 -8.80 21.25 10.35
N LEU A 754 -7.89 22.02 9.74
CA LEU A 754 -6.46 21.79 9.90
C LEU A 754 -6.02 22.07 11.34
N ASP A 755 -6.55 23.15 11.92
CA ASP A 755 -6.22 23.50 13.30
C ASP A 755 -6.70 22.43 14.29
N SER A 756 -7.90 21.91 14.07
N SER A 756 -7.91 21.92 14.06
CA SER A 756 -8.48 20.89 14.94
CA SER A 756 -8.48 20.89 14.94
C SER A 756 -7.80 19.54 14.73
C SER A 756 -7.77 19.55 14.74
N PHE A 757 -7.40 19.26 13.49
CA PHE A 757 -6.67 18.04 13.19
C PHE A 757 -5.34 18.05 13.94
N VAL A 758 -4.67 19.20 13.93
CA VAL A 758 -3.39 19.33 14.59
C VAL A 758 -3.53 19.15 16.10
N ASP A 759 -4.62 19.67 16.66
CA ASP A 759 -4.89 19.55 18.09
C ASP A 759 -5.10 18.11 18.51
N ILE A 760 -5.83 17.34 17.70
CA ILE A 760 -6.08 15.93 18.02
C ILE A 760 -4.79 15.10 17.92
N LEU A 761 -3.93 15.45 16.96
CA LEU A 761 -2.61 14.83 16.90
C LEU A 761 -1.78 15.12 18.16
N LYS A 762 -1.83 16.37 18.61
CA LYS A 762 -1.09 16.76 19.82
C LYS A 762 -1.60 16.01 21.04
N ILE A 763 -2.92 15.78 21.08
CA ILE A 763 -3.52 15.03 22.17
C ILE A 763 -3.03 13.58 22.18
N ARG A 764 -3.03 12.94 21.01
CA ARG A 764 -2.55 11.56 20.94
C ARG A 764 -1.14 11.43 21.52
N TYR A 765 -0.30 12.42 21.25
CA TYR A 765 1.09 12.34 21.67
C TYR A 765 1.36 13.05 23.00
N SER A 766 0.30 13.50 23.64
CA SER A 766 0.39 14.11 24.97
C SER A 766 0.37 13.04 26.05
N SER A 767 -0.14 11.86 25.72
CA SER A 767 -0.21 10.75 26.67
C SER A 767 0.09 9.39 26.02
N PRO A 768 0.95 8.59 26.67
CA PRO A 768 1.25 7.25 26.18
C PRO A 768 0.01 6.36 26.24
N LEU A 769 -0.99 6.76 27.01
CA LEU A 769 -2.19 5.95 27.19
C LEU A 769 -2.96 5.72 25.88
N PHE A 770 -2.81 6.62 24.93
CA PHE A 770 -3.49 6.48 23.64
C PHE A 770 -2.79 5.47 22.74
N ARG A 771 -1.59 5.06 23.14
CA ARG A 771 -0.71 4.29 22.28
C ARG A 771 -0.15 3.05 22.96
N LEU A 772 -1.00 2.33 23.69
CA LEU A 772 -0.60 1.11 24.38
C LEU A 772 0.00 0.13 23.37
N SER A 773 1.05 -0.58 23.79
CA SER A 773 1.84 -1.36 22.84
C SER A 773 1.49 -2.85 22.78
N THR A 774 0.73 -3.34 23.75
CA THR A 774 0.40 -4.75 23.80
C THR A 774 -1.09 -5.01 24.04
N ALA A 775 -1.53 -6.20 23.67
CA ALA A 775 -2.92 -6.61 23.87
C ALA A 775 -3.28 -6.68 25.35
N ASN A 776 -2.33 -7.12 26.16
CA ASN A 776 -2.55 -7.21 27.61
C ASN A 776 -2.79 -5.83 28.22
N ASP A 777 -2.05 -4.84 27.75
CA ASP A 777 -2.22 -3.48 28.25
C ASP A 777 -3.59 -2.93 27.90
N ILE A 778 -4.04 -3.23 26.68
CA ILE A 778 -5.35 -2.78 26.22
C ILE A 778 -6.49 -3.47 26.97
N LYS A 779 -6.35 -4.78 27.19
CA LYS A 779 -7.37 -5.53 27.91
C LYS A 779 -7.50 -5.02 29.34
N GLN A 780 -6.37 -4.66 29.93
CA GLN A 780 -6.34 -4.19 31.31
C GLN A 780 -6.82 -2.75 31.48
N ARG A 781 -6.50 -1.88 30.53
CA ARG A 781 -6.69 -0.43 30.72
C ARG A 781 -7.84 0.19 29.92
N VAL A 782 -8.24 -0.42 28.81
CA VAL A 782 -9.23 0.21 27.93
C VAL A 782 -10.65 -0.29 28.18
N ARG A 783 -11.55 0.65 28.46
CA ARG A 783 -12.95 0.34 28.74
C ARG A 783 -13.88 1.24 27.95
N PHE A 784 -14.96 0.68 27.43
CA PHE A 784 -15.98 1.48 26.76
C PHE A 784 -17.19 1.61 27.67
N HIS A 785 -17.69 2.84 27.81
CA HIS A 785 -18.66 3.15 28.85
C HIS A 785 -20.09 3.38 28.37
N ASN A 786 -20.33 3.30 27.08
CA ASN A 786 -21.67 3.42 26.54
C ASN A 786 -22.06 2.22 25.69
N THR A 787 -22.56 1.17 26.34
CA THR A 787 -22.85 -0.09 25.65
C THR A 787 -24.18 -0.68 26.06
N GLY A 788 -24.53 -1.82 25.47
CA GLY A 788 -25.75 -2.52 25.82
C GLY A 788 -26.96 -2.06 25.02
N PRO A 789 -28.10 -2.70 25.25
CA PRO A 789 -29.36 -2.45 24.52
C PRO A 789 -29.90 -1.03 24.73
N SER A 790 -29.55 -0.42 25.86
CA SER A 790 -30.00 0.93 26.15
C SER A 790 -28.89 1.95 25.92
N LEU A 791 -27.92 1.60 25.08
CA LEU A 791 -26.83 2.53 24.79
C LEU A 791 -27.38 3.78 24.13
N VAL A 792 -26.73 4.90 24.37
CA VAL A 792 -27.11 6.14 23.71
C VAL A 792 -26.60 6.09 22.28
N PRO A 793 -27.53 6.13 21.31
CA PRO A 793 -27.13 6.07 19.91
C PRO A 793 -26.26 7.26 19.51
N GLY A 794 -25.25 7.00 18.70
CA GLY A 794 -24.40 8.08 18.19
C GLY A 794 -23.35 8.57 19.17
N VAL A 795 -23.10 7.81 20.22
CA VAL A 795 -22.08 8.20 21.18
C VAL A 795 -21.16 7.04 21.52
N ILE A 796 -19.86 7.31 21.48
CA ILE A 796 -18.88 6.34 21.94
C ILE A 796 -18.03 6.95 23.05
N VAL A 797 -17.98 6.26 24.19
CA VAL A 797 -17.17 6.71 25.31
C VAL A 797 -16.07 5.71 25.61
N MET A 798 -14.83 6.17 25.48
CA MET A 798 -13.67 5.30 25.68
C MET A 798 -12.83 5.79 26.85
N GLY A 799 -12.61 4.91 27.82
CA GLY A 799 -11.79 5.24 28.97
C GLY A 799 -10.50 4.45 28.98
N ILE A 800 -9.42 5.11 29.39
CA ILE A 800 -8.11 4.48 29.48
C ILE A 800 -7.51 4.75 30.86
N GLU A 801 -7.20 3.68 31.58
CA GLU A 801 -6.74 3.79 32.96
C GLU A 801 -5.22 3.70 33.07
N ASP A 802 -4.66 4.45 34.00
CA ASP A 802 -3.25 4.34 34.34
C ASP A 802 -3.13 4.04 35.84
N ALA A 803 -1.94 3.68 36.29
CA ALA A 803 -1.73 3.36 37.71
C ALA A 803 -2.10 4.56 38.58
N ARG A 804 -2.86 4.30 39.64
CA ARG A 804 -3.26 5.36 40.56
C ARG A 804 -3.44 4.81 41.98
N GLY A 805 -3.18 5.65 42.96
CA GLY A 805 -3.24 5.24 44.35
C GLY A 805 -2.06 4.37 44.71
N GLU A 806 -1.99 3.92 45.97
CA GLU A 806 -0.91 3.05 46.42
C GLU A 806 -1.20 1.60 46.06
N SER A 807 -0.15 0.82 45.89
CA SER A 807 -0.28 -0.58 45.49
C SER A 807 -1.14 -0.73 44.24
N PRO A 808 -0.73 -0.08 43.14
CA PRO A 808 -1.47 -0.17 41.87
C PRO A 808 -1.36 -1.55 41.26
N GLU A 809 -2.39 -1.97 40.52
CA GLU A 809 -2.39 -3.29 39.89
C GLU A 809 -1.69 -3.25 38.53
N MET A 810 -1.15 -2.09 38.18
CA MET A 810 -0.48 -1.91 36.90
C MET A 810 0.67 -0.92 37.01
N ALA A 811 1.50 -0.86 35.98
CA ALA A 811 2.61 0.08 35.94
C ALA A 811 2.10 1.48 35.66
N GLN A 812 2.88 2.49 36.03
CA GLN A 812 2.54 3.88 35.72
C GLN A 812 3.19 4.29 34.40
N LEU A 813 2.36 4.59 33.41
CA LEU A 813 2.86 4.93 32.08
C LEU A 813 2.90 6.43 31.85
N ASP A 814 2.02 7.16 32.55
CA ASP A 814 1.86 8.59 32.31
C ASP A 814 2.17 9.39 33.56
N THR A 815 3.11 10.32 33.44
CA THR A 815 3.52 11.14 34.57
C THR A 815 2.55 12.30 34.84
N ASN A 816 1.79 12.66 33.82
CA ASN A 816 0.91 13.83 33.91
C ASN A 816 -0.55 13.48 34.22
N PHE A 817 -1.05 12.41 33.62
CA PHE A 817 -2.43 12.01 33.80
C PHE A 817 -2.52 10.59 34.34
N SER A 818 -3.57 10.31 35.12
CA SER A 818 -3.79 8.98 35.67
C SER A 818 -5.00 8.30 35.04
N TYR A 819 -5.72 9.04 34.18
CA TYR A 819 -6.87 8.48 33.49
C TYR A 819 -7.28 9.41 32.35
N VAL A 820 -7.69 8.81 31.23
CA VAL A 820 -8.15 9.57 30.07
C VAL A 820 -9.50 9.07 29.57
N VAL A 821 -10.43 9.98 29.36
CA VAL A 821 -11.75 9.62 28.82
C VAL A 821 -12.05 10.40 27.55
N THR A 822 -12.32 9.67 26.46
CA THR A 822 -12.63 10.29 25.18
C THR A 822 -14.08 10.05 24.80
N VAL A 823 -14.81 11.12 24.50
CA VAL A 823 -16.20 11.00 24.08
C VAL A 823 -16.36 11.42 22.63
N PHE A 824 -16.75 10.48 21.78
CA PHE A 824 -17.07 10.78 20.38
C PHE A 824 -18.57 10.97 20.27
N ASN A 825 -19.01 12.21 20.03
CA ASN A 825 -20.44 12.48 19.89
C ASN A 825 -20.80 12.89 18.45
N VAL A 826 -21.37 11.95 17.69
CA VAL A 826 -21.80 12.25 16.33
C VAL A 826 -23.26 12.71 16.26
N CYS A 827 -23.94 12.72 17.41
CA CYS A 827 -25.30 13.27 17.48
C CYS A 827 -25.24 14.75 17.12
N PRO A 828 -26.30 15.24 16.46
CA PRO A 828 -26.34 16.65 16.05
C PRO A 828 -26.54 17.58 17.24
N HIS A 829 -26.79 16.99 18.41
CA HIS A 829 -27.09 17.77 19.60
C HIS A 829 -26.17 17.38 20.75
N GLU A 830 -26.13 18.24 21.77
CA GLU A 830 -25.36 17.98 22.99
C GLU A 830 -25.86 16.72 23.69
N VAL A 831 -24.93 15.98 24.28
CA VAL A 831 -25.28 14.80 25.08
C VAL A 831 -24.63 14.89 26.47
N SER A 832 -25.30 14.28 27.45
CA SER A 832 -24.74 14.14 28.79
C SER A 832 -24.61 12.66 29.11
N MET A 833 -23.38 12.21 29.33
CA MET A 833 -23.12 10.81 29.62
C MET A 833 -22.76 10.63 31.09
N ASP A 834 -23.63 9.94 31.82
CA ASP A 834 -23.37 9.67 33.24
C ASP A 834 -22.60 8.36 33.40
N ILE A 835 -21.35 8.47 33.85
CA ILE A 835 -20.56 7.28 34.14
C ILE A 835 -20.21 7.26 35.63
N PRO A 836 -21.08 6.64 36.44
CA PRO A 836 -20.94 6.56 37.90
C PRO A 836 -19.58 6.01 38.32
N ALA A 837 -19.03 5.09 37.53
CA ALA A 837 -17.73 4.51 37.86
C ALA A 837 -16.64 5.57 37.86
N LEU A 838 -16.87 6.66 37.13
CA LEU A 838 -15.88 7.73 37.01
C LEU A 838 -16.24 8.98 37.82
N ALA A 839 -17.20 8.84 38.72
CA ALA A 839 -17.54 9.95 39.62
C ALA A 839 -16.42 10.16 40.63
N SER A 840 -16.48 11.30 41.33
CA SER A 840 -15.49 11.62 42.37
C SER A 840 -14.05 11.55 41.86
N MET A 841 -13.84 11.99 40.63
CA MET A 841 -12.49 12.06 40.08
C MET A 841 -12.20 13.47 39.59
N GLY A 842 -10.94 13.77 39.31
CA GLY A 842 -10.55 15.12 38.96
C GLY A 842 -10.41 15.37 37.47
N PHE A 843 -11.42 14.98 36.71
CA PHE A 843 -11.38 15.15 35.26
C PHE A 843 -11.50 16.61 34.83
N GLU A 844 -10.67 16.99 33.86
CA GLU A 844 -10.73 18.30 33.25
C GLU A 844 -10.68 18.11 31.74
N LEU A 845 -11.25 19.03 30.99
CA LEU A 845 -11.10 18.99 29.54
C LEU A 845 -9.61 19.10 29.23
N HIS A 846 -9.15 18.31 28.27
CA HIS A 846 -7.75 18.33 27.89
C HIS A 846 -7.29 19.77 27.67
N PRO A 847 -6.11 20.14 28.20
CA PRO A 847 -5.55 21.49 28.08
C PRO A 847 -5.46 21.96 26.64
N VAL A 848 -5.23 21.04 25.71
CA VAL A 848 -5.16 21.37 24.29
C VAL A 848 -6.52 21.91 23.83
N GLN A 849 -7.59 21.29 24.30
CA GLN A 849 -8.94 21.69 23.89
C GLN A 849 -9.46 22.86 24.72
N VAL A 850 -8.97 23.00 25.95
CA VAL A 850 -9.29 24.16 26.76
C VAL A 850 -8.82 25.42 26.03
N ASN A 851 -7.69 25.28 25.34
CA ASN A 851 -7.11 26.38 24.59
C ASN A 851 -7.38 26.26 23.08
N SER A 852 -8.41 25.50 22.74
CA SER A 852 -8.75 25.27 21.34
C SER A 852 -9.26 26.53 20.66
N SER A 853 -9.14 26.59 19.34
CA SER A 853 -9.72 27.68 18.57
C SER A 853 -11.18 27.35 18.27
N ASP A 854 -11.56 26.11 18.52
CA ASP A 854 -12.95 25.67 18.39
C ASP A 854 -13.73 26.02 19.65
N THR A 855 -14.66 26.97 19.53
CA THR A 855 -15.41 27.45 20.70
C THR A 855 -16.39 26.40 21.21
N LEU A 856 -16.78 25.47 20.35
CA LEU A 856 -17.76 24.46 20.72
C LEU A 856 -17.18 23.50 21.77
N VAL A 857 -16.03 22.90 21.45
CA VAL A 857 -15.44 21.91 22.34
C VAL A 857 -15.18 22.49 23.74
N ARG A 858 -14.91 23.79 23.80
CA ARG A 858 -14.61 24.46 25.07
C ARG A 858 -15.81 24.51 26.01
N LYS A 859 -16.99 24.16 25.50
CA LYS A 859 -18.20 24.11 26.32
C LYS A 859 -18.39 22.76 26.98
N SER A 860 -17.50 21.82 26.68
CA SER A 860 -17.54 20.49 27.30
C SER A 860 -17.36 20.62 28.81
N ALA A 861 -17.88 19.67 29.55
CA ALA A 861 -17.85 19.75 31.01
C ALA A 861 -17.88 18.38 31.68
N TYR A 862 -17.37 18.34 32.91
CA TYR A 862 -17.42 17.13 33.73
C TYR A 862 -17.99 17.48 35.10
N GLU A 863 -18.78 16.58 35.65
CA GLU A 863 -19.43 16.82 36.95
C GLU A 863 -19.07 15.68 37.89
N ALA A 864 -18.20 15.96 38.86
CA ALA A 864 -17.67 14.94 39.76
C ALA A 864 -18.74 14.23 40.59
N ALA A 865 -19.75 14.98 41.02
CA ALA A 865 -20.79 14.42 41.89
C ALA A 865 -21.52 13.25 41.26
N THR A 866 -21.64 13.27 39.93
CA THR A 866 -22.39 12.24 39.23
C THR A 866 -21.55 11.54 38.16
N GLY A 867 -20.36 12.04 37.92
CA GLY A 867 -19.53 11.54 36.84
C GLY A 867 -20.18 11.79 35.50
N ARG A 868 -20.80 12.96 35.35
CA ARG A 868 -21.49 13.30 34.11
C ARG A 868 -20.60 14.06 33.16
N PHE A 869 -20.47 13.54 31.94
CA PHE A 869 -19.71 14.22 30.89
C PHE A 869 -20.68 14.86 29.89
N THR A 870 -20.55 16.17 29.74
CA THR A 870 -21.40 16.91 28.81
C THR A 870 -20.59 17.30 27.58
N VAL A 871 -21.05 16.87 26.42
CA VAL A 871 -20.30 17.04 25.18
C VAL A 871 -21.23 17.58 24.08
N PRO A 872 -20.83 18.69 23.43
CA PRO A 872 -21.65 19.32 22.39
C PRO A 872 -21.82 18.41 21.17
N GLY A 873 -22.79 18.74 20.33
CA GLY A 873 -23.06 17.95 19.13
C GLY A 873 -21.87 17.95 18.18
N ARG A 874 -21.73 16.86 17.42
CA ARG A 874 -20.68 16.74 16.43
C ARG A 874 -19.32 17.15 16.99
N THR A 875 -18.99 16.60 18.15
CA THR A 875 -17.76 16.99 18.84
C THR A 875 -17.08 15.80 19.47
N VAL A 876 -15.74 15.81 19.44
CA VAL A 876 -14.97 14.84 20.19
C VAL A 876 -14.27 15.56 21.34
N SER A 877 -14.62 15.18 22.57
CA SER A 877 -14.05 15.79 23.76
C SER A 877 -13.20 14.79 24.53
N VAL A 878 -11.98 15.21 24.85
CA VAL A 878 -11.07 14.39 25.63
C VAL A 878 -10.93 14.97 27.03
N PHE A 879 -11.22 14.17 28.05
CA PHE A 879 -11.06 14.60 29.43
C PHE A 879 -9.90 13.86 30.08
N VAL A 880 -9.14 14.55 30.91
CA VAL A 880 -8.00 13.95 31.59
C VAL A 880 -8.06 14.16 33.10
N GLU A 881 -7.48 13.24 33.85
CA GLU A 881 -7.34 13.40 35.29
C GLU A 881 -5.89 13.65 35.65
N PRO A 882 -5.55 14.92 35.95
CA PRO A 882 -4.16 15.29 36.28
C PRO A 882 -3.65 14.59 37.53
N ARG A 883 -2.34 14.42 37.63
CA ARG A 883 -1.74 13.75 38.76
C ARG A 883 -1.36 14.70 39.89
N CYS A 884 -0.70 15.80 39.52
CA CYS A 884 -0.24 16.78 40.50
C CYS A 884 -1.33 17.14 41.51
#